data_9AS8
#
_entry.id   9AS8
#
_cell.length_a   1.00
_cell.length_b   1.00
_cell.length_c   1.00
_cell.angle_alpha   90.00
_cell.angle_beta   90.00
_cell.angle_gamma   90.00
#
_symmetry.space_group_name_H-M   'P 1'
#
loop_
_entity.id
_entity.type
_entity.pdbx_description
1 polymer '5-hydroxytryptamine receptor 2A'
2 polymer 'G subunit q (Gi2-mini-Gq chimeric)'
3 polymer 'Guanine nucleotide-binding protein G(I)/G(S)/G(T) subunit beta-1'
4 polymer 'Guanine nucleotide-binding protein G(I)/G(S)/G(O) subunit gamma-2'
5 polymer 'single chain Fab (svFv16)'
6 non-polymer 3-[2-(dimethylamino)ethyl]-1~{H}-indol-4-ol
#
loop_
_entity_poly.entity_id
_entity_poly.type
_entity_poly.pdbx_seq_one_letter_code
_entity_poly.pdbx_strand_id
1 'polypeptide(L)'
;MDILCEENTSLSSTTNSLMQLNDDTRLYSNDFNSGEANTSDAFNWTVDSENRTNLSCEGCLSPSCLSLLHLQEKNWSALL
TAVVIILTIAGNILVIMAVSLEKKLQNATNYFLMSLAIADMLLGFLVMPVSMLTILYGYRWPLPSKLCAVWIYLDVLFST
ASIMHLCAISLDRYVAIQNPIHHSRFNSRTKAFLKIIAVWTISVGISMPIPVFGLQDDSKVFKEGSCLLADDNFVLIGSF
VSFFIPLTIMVITYFLTIKSLQKEATLCVSDLGTRAKLASFSFLPQSSLSSEKLFQRSIHREPGSYTGRRTMQSISNEQK
ACKVLGIVFFLFVVMWCPFFITNIMAVICKESCNEDVIGALLNVFVWIGYLSSAVNPLVYTLFNKTYRSAFSRYIQCQYK
ENKKPLQLILVNTIPALAYKSSQLQMGQKKNSKQDAKTTDNDCSMVALGKQHSEEASKDNSDGVNEKVSCV
;
A
2 'polypeptide(L)'
;MGSTVSAEDKAAAERSKMIDKNLREDGEKARRTLRLLLLGADNSGKSTIVKQMRILHGGSGGSGGTSGIFETKFQVDKVN
FHMFDVGGQRDERRKWIQCFNDVTAIIFVVDSSDYNRLQEALNDFKSIWNNRWLRTISVILFLNKQDLLAEKVLAGKSKI
EDYFPEFARYTTPEDATPEPGEDPRVTRAKYFIRKEFVDISTASGDGRHICYPHFTCAVDTENARRIFNDCKDIILQMNL
REYNLV
;
B
3 'polypeptide(L)'
;MHHHHHHLEVLFQGPGSSGSELDQLRQEAEQLKNQIRDARKACADATLSQITNNIDPVGRIQMRTRRTLRGHLAKIYAMH
WGTDSRLLVSASQDGKLIIWDSYTTNKVHAIPLRSSWVMTCAYAPSGNYVACGGLDNICSIYNLKTREGNVRVSRELAGH
TGYLSCCRFLDDNQIVTSSGDTTCALWDIETGQQTTTFTGHTGDVMSLSLAPDTRLFVSGACDASAKLWDVREGMCRQTF
TGHESDINAICFFPNGNAFATGSDDATCRLFDLRADQELMTYSHDNIICGITSVSFSKSGRLLLAGYDDFNCNVWDALKA
DRAGVLAGHDNRVSCLGVTDDGMAVATGSWDSFLKIWN
;
C
4 'polypeptide(L)' MASNNTASIAQARKLVEQLKMEANIDRIKVSKAAADLMAYCEAHAKEDPLLTPVPASENPFREKKFFCAIL D
5 'polypeptide(L)'
;DVQLVESGGGLVQPGGSRKLSCSASGFAFSSFGMHWVRQAPEKGLEWVAYISSGSGTIYYADTVKGRFTISRDDPKNTLF
LQMTSLRSEDTAMYYCVRSIYYYGSSPFDFWGQGTTLTVSSGGGGSGGGGSGGGGSDIVMTQATSSVPVTPGESVSISCR
SSKSLLHSNGNTYLYWFLQRPGQSPQLLIYRMSNLASGVPDRFSGSGSGTAFTLTISRLEAEDVGVYYCMQHLEYPLTFG
AGTKLELKAAALEVLFQGPHHHHHHHH
;
E
#
loop_
_chem_comp.id
_chem_comp.type
_chem_comp.name
_chem_comp.formula
91Q non-polymer 3-[2-(dimethylamino)ethyl]-1~{H}-indol-4-ol 'C12 H16 N2 O'
#
# COMPACT_ATOMS: atom_id res chain seq x y z
N LEU A 79 26.55 -18.92 44.18
CA LEU A 79 26.28 -20.09 43.35
C LEU A 79 26.14 -19.68 41.89
N LEU A 80 26.76 -20.45 41.00
CA LEU A 80 26.79 -20.15 39.57
C LEU A 80 25.62 -20.77 38.81
N THR A 81 24.50 -21.04 39.49
CA THR A 81 23.26 -21.49 38.84
C THR A 81 22.24 -20.36 38.76
N ALA A 82 22.15 -19.55 39.81
CA ALA A 82 21.38 -18.32 39.73
C ALA A 82 21.89 -17.41 38.62
N VAL A 83 23.21 -17.40 38.40
CA VAL A 83 23.78 -16.65 37.30
C VAL A 83 23.24 -17.17 35.97
N VAL A 84 23.14 -18.49 35.84
CA VAL A 84 22.65 -19.07 34.60
C VAL A 84 21.19 -18.69 34.35
N ILE A 85 20.35 -18.79 35.39
CA ILE A 85 18.94 -18.47 35.17
C ILE A 85 18.77 -16.98 34.86
N ILE A 86 19.54 -16.13 35.56
CA ILE A 86 19.45 -14.68 35.33
C ILE A 86 19.90 -14.35 33.92
N LEU A 87 20.99 -14.97 33.46
CA LEU A 87 21.47 -14.73 32.10
C LEU A 87 20.43 -15.17 31.07
N THR A 88 19.83 -16.34 31.28
CA THR A 88 18.79 -16.82 30.36
C THR A 88 17.65 -15.83 30.26
N ILE A 89 17.10 -15.43 31.42
CA ILE A 89 15.94 -14.55 31.44
C ILE A 89 16.27 -13.21 30.80
N ALA A 90 17.41 -12.62 31.19
CA ALA A 90 17.78 -11.30 30.69
C ALA A 90 18.02 -11.33 29.19
N GLY A 91 18.78 -12.32 28.70
CA GLY A 91 19.05 -12.39 27.29
C GLY A 91 17.81 -12.58 26.45
N ASN A 92 16.94 -13.51 26.85
CA ASN A 92 15.74 -13.73 26.05
C ASN A 92 14.78 -12.54 26.12
N ILE A 93 14.67 -11.89 27.28
CA ILE A 93 13.83 -10.70 27.38
C ILE A 93 14.37 -9.60 26.46
N LEU A 94 15.70 -9.41 26.45
CA LEU A 94 16.28 -8.38 25.61
C LEU A 94 16.09 -8.67 24.13
N VAL A 95 16.20 -9.94 23.72
CA VAL A 95 15.97 -10.27 22.32
C VAL A 95 14.52 -10.03 21.93
N ILE A 96 13.57 -10.41 22.81
CA ILE A 96 12.16 -10.17 22.50
C ILE A 96 11.89 -8.68 22.42
N MET A 97 12.47 -7.90 23.32
CA MET A 97 12.30 -6.45 23.28
C MET A 97 12.87 -5.87 21.99
N ALA A 98 14.05 -6.33 21.57
CA ALA A 98 14.64 -5.83 20.34
C ALA A 98 13.78 -6.17 19.13
N VAL A 99 13.23 -7.38 19.09
CA VAL A 99 12.37 -7.75 17.96
C VAL A 99 11.10 -6.89 17.95
N SER A 100 10.50 -6.68 19.12
CA SER A 100 9.21 -6.01 19.18
C SER A 100 9.30 -4.49 19.00
N LEU A 101 10.37 -3.86 19.49
CA LEU A 101 10.44 -2.40 19.53
C LEU A 101 11.02 -1.79 18.26
N GLU A 102 11.56 -2.58 17.34
CA GLU A 102 12.24 -2.09 16.16
C GLU A 102 11.44 -2.43 14.91
N LYS A 103 11.15 -1.41 14.10
CA LYS A 103 10.42 -1.61 12.86
C LYS A 103 11.28 -2.23 11.77
N LYS A 104 12.59 -2.11 11.87
CA LYS A 104 13.50 -2.68 10.88
C LYS A 104 13.74 -4.17 11.08
N LEU A 105 13.40 -4.72 12.24
CA LEU A 105 13.65 -6.12 12.56
C LEU A 105 12.39 -6.99 12.45
N GLN A 106 11.30 -6.45 11.90
CA GLN A 106 10.08 -7.22 11.70
C GLN A 106 10.11 -7.83 10.30
N ASN A 107 10.82 -8.95 10.18
CA ASN A 107 10.82 -9.78 8.97
C ASN A 107 10.57 -11.22 9.38
N ALA A 108 10.37 -12.07 8.36
CA ALA A 108 9.96 -13.45 8.61
C ALA A 108 10.98 -14.24 9.42
N THR A 109 12.28 -13.94 9.30
CA THR A 109 13.28 -14.67 10.04
C THR A 109 13.28 -14.27 11.52
N ASN A 110 13.10 -12.97 11.79
CA ASN A 110 13.17 -12.49 13.19
C ASN A 110 11.96 -12.99 13.99
N TYR A 111 10.83 -13.26 13.32
CA TYR A 111 9.69 -13.82 14.06
C TYR A 111 9.99 -15.23 14.54
N PHE A 112 10.63 -16.04 13.70
CA PHE A 112 11.08 -17.36 14.15
C PHE A 112 12.14 -17.24 15.24
N LEU A 113 13.03 -16.24 15.12
CA LEU A 113 14.00 -16.01 16.17
C LEU A 113 13.33 -15.62 17.48
N MET A 114 12.26 -14.82 17.41
CA MET A 114 11.48 -14.49 18.60
C MET A 114 10.80 -15.71 19.18
N SER A 115 10.33 -16.63 18.33
CA SER A 115 9.76 -17.88 18.82
C SER A 115 10.81 -18.69 19.57
N LEU A 116 12.03 -18.75 19.03
CA LEU A 116 13.14 -19.39 19.74
C LEU A 116 13.38 -18.72 21.08
N ALA A 117 13.37 -17.39 21.09
CA ALA A 117 13.58 -16.67 22.35
C ALA A 117 12.48 -16.97 23.36
N ILE A 118 11.23 -17.07 22.90
CA ILE A 118 10.12 -17.39 23.78
C ILE A 118 10.30 -18.79 24.37
N ALA A 119 10.67 -19.76 23.53
CA ALA A 119 10.87 -21.11 24.02
C ALA A 119 12.01 -21.17 25.03
N ASP A 120 13.11 -20.48 24.75
CA ASP A 120 14.24 -20.47 25.68
C ASP A 120 13.88 -19.76 26.98
N MET A 121 13.10 -18.68 26.91
CA MET A 121 12.68 -17.98 28.12
C MET A 121 11.78 -18.86 28.97
N LEU A 122 10.84 -19.58 28.33
CA LEU A 122 9.99 -20.49 29.09
C LEU A 122 10.82 -21.59 29.73
N LEU A 123 11.81 -22.12 29.01
CA LEU A 123 12.72 -23.11 29.56
C LEU A 123 13.45 -22.57 30.78
N GLY A 124 13.99 -21.34 30.67
CA GLY A 124 14.76 -20.74 31.73
C GLY A 124 13.95 -20.30 32.93
N PHE A 125 12.66 -20.04 32.75
CA PHE A 125 11.80 -19.57 33.83
C PHE A 125 11.06 -20.70 34.55
N LEU A 126 10.48 -21.65 33.81
CA LEU A 126 9.63 -22.65 34.43
C LEU A 126 10.38 -23.89 34.89
N VAL A 127 11.47 -24.25 34.23
CA VAL A 127 12.14 -25.53 34.44
C VAL A 127 13.43 -25.38 35.23
N MET A 128 14.29 -24.42 34.83
CA MET A 128 15.63 -24.32 35.42
C MET A 128 15.61 -24.00 36.91
N PRO A 129 14.87 -23.01 37.42
CA PRO A 129 14.89 -22.76 38.87
C PRO A 129 14.40 -23.92 39.70
N VAL A 130 13.45 -24.72 39.19
CA VAL A 130 13.05 -25.92 39.91
C VAL A 130 14.21 -26.91 39.96
N SER A 131 15.01 -26.97 38.90
CA SER A 131 16.20 -27.81 38.92
C SER A 131 17.21 -27.32 39.95
N MET A 132 17.39 -26.01 40.08
CA MET A 132 18.30 -25.50 41.11
C MET A 132 17.75 -25.85 42.49
N LEU A 133 16.43 -25.77 42.67
CA LEU A 133 15.83 -26.16 43.94
C LEU A 133 16.07 -27.63 44.22
N THR A 134 15.98 -28.48 43.19
CA THR A 134 16.29 -29.89 43.35
C THR A 134 17.74 -30.09 43.78
N ILE A 135 18.66 -29.31 43.20
CA ILE A 135 20.06 -29.38 43.64
C ILE A 135 20.19 -28.97 45.09
N LEU A 136 19.46 -27.92 45.49
CA LEU A 136 19.63 -27.38 46.84
C LEU A 136 19.19 -28.34 47.94
N TYR A 137 18.33 -29.31 47.63
CA TYR A 137 17.80 -30.27 48.59
C TYR A 137 18.47 -31.63 48.43
N GLY A 138 19.68 -31.65 47.87
CA GLY A 138 20.36 -32.92 47.64
C GLY A 138 19.61 -33.82 46.69
N TYR A 139 19.00 -33.25 45.64
CA TYR A 139 18.21 -34.01 44.68
C TYR A 139 17.09 -34.79 45.36
N ARG A 140 16.45 -34.15 46.33
CA ARG A 140 15.23 -34.64 46.96
C ARG A 140 14.09 -33.70 46.58
N TRP A 141 13.01 -34.26 46.04
CA TRP A 141 11.97 -33.45 45.46
C TRP A 141 11.24 -32.64 46.55
N PRO A 142 10.92 -31.37 46.28
CA PRO A 142 10.05 -30.63 47.20
C PRO A 142 8.69 -31.27 47.39
N LEU A 143 7.89 -30.61 48.23
CA LEU A 143 6.69 -31.23 48.79
C LEU A 143 5.69 -31.76 47.77
N PRO A 144 5.26 -31.02 46.75
CA PRO A 144 4.20 -31.56 45.87
C PRO A 144 4.77 -32.58 44.91
N SER A 145 4.32 -33.83 45.04
CA SER A 145 4.86 -34.91 44.23
C SER A 145 4.32 -34.87 42.80
N LYS A 146 3.14 -34.27 42.61
CA LYS A 146 2.53 -34.25 41.28
C LYS A 146 3.29 -33.36 40.31
N LEU A 147 4.20 -32.51 40.80
CA LEU A 147 4.88 -31.58 39.93
C LEU A 147 5.96 -32.26 39.08
N CYS A 148 6.33 -33.49 39.43
CA CYS A 148 7.46 -34.15 38.76
C CYS A 148 7.14 -34.45 37.30
N ALA A 149 5.98 -35.06 37.03
CA ALA A 149 5.65 -35.44 35.66
C ALA A 149 5.49 -34.22 34.77
N VAL A 150 4.79 -33.19 35.25
CA VAL A 150 4.61 -31.98 34.45
C VAL A 150 5.93 -31.26 34.25
N TRP A 151 6.80 -31.29 35.27
CA TRP A 151 8.12 -30.68 35.13
C TRP A 151 8.94 -31.37 34.06
N ILE A 152 8.93 -32.70 34.04
CA ILE A 152 9.64 -33.44 32.99
C ILE A 152 9.02 -33.13 31.63
N TYR A 153 7.69 -33.04 31.57
CA TYR A 153 7.01 -32.68 30.33
C TYR A 153 7.50 -31.34 29.81
N LEU A 154 7.50 -30.31 30.67
CA LEU A 154 7.92 -28.99 30.23
C LEU A 154 9.38 -28.98 29.82
N ASP A 155 10.23 -29.67 30.57
CA ASP A 155 11.65 -29.72 30.22
C ASP A 155 11.87 -30.32 28.84
N VAL A 156 11.30 -31.51 28.61
CA VAL A 156 11.49 -32.18 27.32
C VAL A 156 10.87 -31.37 26.21
N LEU A 157 9.68 -30.79 26.44
CA LEU A 157 9.00 -30.01 25.43
C LEU A 157 9.84 -28.81 24.99
N PHE A 158 10.31 -28.01 25.95
CA PHE A 158 11.06 -26.82 25.57
C PHE A 158 12.42 -27.16 24.99
N SER A 159 13.09 -28.20 25.50
CA SER A 159 14.37 -28.60 24.94
C SER A 159 14.21 -29.07 23.49
N THR A 160 13.20 -29.90 23.22
CA THR A 160 12.94 -30.32 21.84
C THR A 160 12.56 -29.13 20.97
N ALA A 161 11.76 -28.20 21.50
CA ALA A 161 11.37 -27.04 20.72
C ALA A 161 12.59 -26.24 20.29
N SER A 162 13.52 -26.01 21.21
CA SER A 162 14.76 -25.32 20.86
C SER A 162 15.56 -26.11 19.83
N ILE A 163 15.66 -27.42 20.01
CA ILE A 163 16.52 -28.21 19.13
C ILE A 163 16.01 -28.19 17.69
N MET A 164 14.73 -28.48 17.48
CA MET A 164 14.22 -28.43 16.11
C MET A 164 13.98 -27.00 15.62
N HIS A 165 13.93 -26.00 16.49
CA HIS A 165 14.02 -24.61 16.02
C HIS A 165 15.36 -24.37 15.34
N LEU A 166 16.44 -24.80 15.99
CA LEU A 166 17.78 -24.67 15.38
C LEU A 166 17.88 -25.49 14.10
N CYS A 167 17.30 -26.69 14.09
CA CYS A 167 17.31 -27.51 12.89
C CYS A 167 16.57 -26.81 11.74
N ALA A 168 15.41 -26.22 12.04
CA ALA A 168 14.67 -25.49 11.01
C ALA A 168 15.44 -24.27 10.53
N ILE A 169 16.15 -23.58 11.42
CA ILE A 169 16.94 -22.43 11.01
C ILE A 169 18.03 -22.88 10.02
N SER A 170 18.71 -23.98 10.34
CA SER A 170 19.74 -24.48 9.42
C SER A 170 19.15 -24.89 8.09
N LEU A 171 18.01 -25.59 8.12
CA LEU A 171 17.36 -26.01 6.88
C LEU A 171 16.93 -24.82 6.03
N ASP A 172 16.44 -23.78 6.69
CA ASP A 172 15.97 -22.57 5.95
C ASP A 172 17.18 -21.84 5.35
N ARG A 173 18.28 -21.76 6.10
CA ARG A 173 19.49 -21.12 5.57
C ARG A 173 20.08 -21.89 4.39
N TYR A 174 19.97 -23.22 4.38
CA TYR A 174 20.48 -23.97 3.25
C TYR A 174 19.75 -23.62 1.95
N VAL A 175 18.42 -23.52 2.01
CA VAL A 175 17.68 -23.15 0.80
C VAL A 175 17.82 -21.67 0.49
N ALA A 176 18.08 -20.83 1.50
CA ALA A 176 18.34 -19.42 1.24
C ALA A 176 19.67 -19.20 0.56
N ILE A 177 20.65 -20.06 0.79
CA ILE A 177 21.98 -19.93 0.20
C ILE A 177 22.05 -20.64 -1.15
N GLN A 178 21.47 -21.84 -1.24
CA GLN A 178 21.60 -22.62 -2.47
C GLN A 178 20.74 -22.04 -3.59
N ASN A 179 19.53 -21.60 -3.25
CA ASN A 179 18.57 -21.05 -4.22
C ASN A 179 18.04 -19.73 -3.69
N PRO A 180 18.84 -18.65 -3.77
CA PRO A 180 18.36 -17.38 -3.23
C PRO A 180 17.15 -16.82 -3.94
N ILE A 181 17.12 -16.87 -5.29
CA ILE A 181 16.02 -16.27 -6.02
C ILE A 181 14.72 -17.03 -5.77
N HIS A 182 14.76 -18.36 -5.86
CA HIS A 182 13.55 -19.15 -5.62
C HIS A 182 13.11 -19.06 -4.16
N HIS A 183 14.06 -19.03 -3.22
CA HIS A 183 13.72 -18.87 -1.82
C HIS A 183 13.04 -17.52 -1.57
N SER A 184 13.56 -16.45 -2.18
CA SER A 184 12.92 -15.15 -2.04
C SER A 184 11.54 -15.12 -2.68
N ARG A 185 11.38 -15.76 -3.85
CA ARG A 185 10.08 -15.80 -4.50
C ARG A 185 9.06 -16.55 -3.66
N PHE A 186 9.44 -17.67 -3.07
CA PHE A 186 8.55 -18.45 -2.21
C PHE A 186 8.52 -17.96 -0.77
N ASN A 187 9.42 -17.06 -0.39
CA ASN A 187 9.43 -16.56 0.98
C ASN A 187 8.20 -15.70 1.24
N SER A 188 7.53 -15.94 2.36
CA SER A 188 6.32 -15.21 2.71
C SER A 188 6.08 -15.36 4.20
N ARG A 189 5.08 -14.62 4.70
CA ARG A 189 4.67 -14.80 6.08
C ARG A 189 4.02 -16.15 6.30
N THR A 190 3.31 -16.66 5.30
CA THR A 190 2.68 -17.98 5.42
C THR A 190 3.73 -19.07 5.60
N LYS A 191 4.86 -18.96 4.89
CA LYS A 191 5.93 -19.93 5.07
C LYS A 191 6.48 -19.91 6.49
N ALA A 192 6.66 -18.72 7.06
CA ALA A 192 7.15 -18.62 8.42
C ALA A 192 6.16 -19.19 9.42
N PHE A 193 4.88 -18.92 9.24
CA PHE A 193 3.87 -19.48 10.14
C PHE A 193 3.82 -21.00 10.02
N LEU A 194 3.91 -21.52 8.79
CA LEU A 194 3.95 -22.96 8.59
C LEU A 194 5.18 -23.56 9.28
N LYS A 195 6.32 -22.88 9.17
CA LYS A 195 7.54 -23.32 9.84
C LYS A 195 7.33 -23.41 11.35
N ILE A 196 6.75 -22.36 11.94
CA ILE A 196 6.58 -22.31 13.39
C ILE A 196 5.63 -23.41 13.86
N ILE A 197 4.48 -23.55 13.18
CA ILE A 197 3.54 -24.58 13.61
C ILE A 197 4.11 -25.97 13.37
N ALA A 198 4.91 -26.16 12.32
CA ALA A 198 5.50 -27.47 12.07
C ALA A 198 6.46 -27.86 13.18
N VAL A 199 7.37 -26.95 13.55
CA VAL A 199 8.34 -27.29 14.60
C VAL A 199 7.62 -27.51 15.93
N TRP A 200 6.64 -26.67 16.25
CA TRP A 200 5.93 -26.86 17.52
C TRP A 200 5.07 -28.12 17.51
N THR A 201 4.48 -28.47 16.37
CA THR A 201 3.69 -29.69 16.29
C THR A 201 4.57 -30.93 16.46
N ILE A 202 5.74 -30.93 15.85
CA ILE A 202 6.63 -32.07 16.02
C ILE A 202 7.11 -32.16 17.47
N SER A 203 7.40 -31.00 18.09
CA SER A 203 7.81 -31.01 19.49
C SER A 203 6.70 -31.52 20.39
N VAL A 204 5.45 -31.14 20.12
CA VAL A 204 4.32 -31.63 20.91
C VAL A 204 4.16 -33.13 20.73
N GLY A 205 4.28 -33.61 19.48
CA GLY A 205 4.15 -35.04 19.25
C GLY A 205 5.25 -35.85 19.90
N ILE A 206 6.47 -35.32 19.95
CA ILE A 206 7.57 -36.04 20.59
C ILE A 206 7.32 -36.15 22.10
N SER A 207 6.84 -35.08 22.71
CA SER A 207 6.66 -35.02 24.16
C SER A 207 5.32 -35.59 24.62
N MET A 208 4.50 -36.10 23.71
CA MET A 208 3.12 -36.46 24.04
C MET A 208 2.97 -37.50 25.15
N PRO A 209 3.72 -38.61 25.18
CA PRO A 209 3.42 -39.67 26.16
C PRO A 209 3.74 -39.34 27.62
N ILE A 210 4.50 -38.28 27.90
CA ILE A 210 4.99 -38.07 29.26
C ILE A 210 3.86 -37.85 30.26
N PRO A 211 2.90 -36.93 30.04
CA PRO A 211 1.80 -36.80 31.00
C PRO A 211 0.76 -37.88 30.88
N VAL A 212 0.65 -38.53 29.72
CA VAL A 212 -0.29 -39.63 29.57
C VAL A 212 0.10 -40.79 30.47
N PHE A 213 1.39 -41.14 30.48
CA PHE A 213 1.90 -42.28 31.21
C PHE A 213 2.70 -41.92 32.47
N GLY A 214 3.27 -40.72 32.53
CA GLY A 214 4.02 -40.33 33.70
C GLY A 214 3.18 -40.23 34.96
N LEU A 215 1.96 -39.72 34.86
CA LEU A 215 1.05 -39.65 35.99
C LEU A 215 0.27 -40.94 36.20
N GLN A 216 0.09 -41.75 35.14
CA GLN A 216 -0.60 -43.03 35.30
C GLN A 216 0.24 -44.01 36.10
N ASP A 217 1.56 -43.90 36.04
CA ASP A 217 2.47 -44.74 36.81
C ASP A 217 3.60 -43.86 37.33
N ASP A 218 3.66 -43.68 38.64
CA ASP A 218 4.66 -42.81 39.25
C ASP A 218 6.07 -43.36 39.14
N SER A 219 6.23 -44.67 38.93
CA SER A 219 7.57 -45.24 38.80
C SER A 219 8.30 -44.77 37.56
N LYS A 220 7.57 -44.46 36.49
CA LYS A 220 8.19 -44.02 35.25
C LYS A 220 8.79 -42.62 35.34
N VAL A 221 8.48 -41.85 36.38
CA VAL A 221 8.98 -40.50 36.58
C VAL A 221 9.75 -40.33 37.87
N PHE A 222 9.85 -41.38 38.71
CA PHE A 222 10.57 -41.34 39.97
C PHE A 222 11.56 -42.49 40.03
N LYS A 223 12.67 -42.26 40.72
CA LYS A 223 13.68 -43.30 40.91
C LYS A 223 14.53 -42.93 42.11
N GLU A 224 14.46 -43.74 43.17
CA GLU A 224 15.24 -43.52 44.38
C GLU A 224 14.89 -42.18 45.03
N GLY A 225 13.63 -41.78 44.94
CA GLY A 225 13.17 -40.57 45.57
C GLY A 225 13.54 -39.28 44.87
N SER A 226 14.06 -39.35 43.64
CA SER A 226 14.44 -38.17 42.87
C SER A 226 13.63 -38.14 41.58
N CYS A 227 13.29 -36.93 41.13
CA CYS A 227 12.45 -36.74 39.96
C CYS A 227 13.30 -36.90 38.70
N LEU A 228 13.11 -38.02 38.01
CA LEU A 228 13.76 -38.24 36.71
C LEU A 228 13.01 -39.36 36.00
N LEU A 229 12.91 -39.24 34.69
CA LEU A 229 12.21 -40.26 33.90
C LEU A 229 13.05 -41.52 33.80
N ALA A 230 12.41 -42.67 34.00
CA ALA A 230 13.07 -43.97 34.00
C ALA A 230 12.35 -44.93 33.07
N ASP A 231 12.00 -44.47 31.88
CA ASP A 231 11.43 -45.29 30.81
C ASP A 231 12.53 -45.55 29.79
N ASP A 232 13.07 -46.77 29.81
CA ASP A 232 14.23 -47.09 28.97
C ASP A 232 13.91 -46.97 27.49
N ASN A 233 12.76 -47.50 27.05
CA ASN A 233 12.45 -47.49 25.63
C ASN A 233 12.23 -46.07 25.12
N PHE A 234 11.53 -45.22 25.88
CA PHE A 234 11.30 -43.86 25.44
C PHE A 234 12.61 -43.07 25.40
N VAL A 235 13.46 -43.25 26.40
CA VAL A 235 14.73 -42.54 26.45
C VAL A 235 15.63 -42.88 25.28
N LEU A 236 15.50 -44.08 24.71
CA LEU A 236 16.32 -44.51 23.58
C LEU A 236 15.74 -44.04 22.26
N ILE A 237 14.47 -44.35 21.96
CA ILE A 237 13.83 -43.88 20.74
C ILE A 237 13.48 -42.41 20.79
N GLY A 238 13.04 -41.91 21.95
CA GLY A 238 12.72 -40.50 22.09
C GLY A 238 13.88 -39.57 21.88
N SER A 239 15.11 -40.07 22.04
CA SER A 239 16.30 -39.33 21.66
C SER A 239 16.71 -39.54 20.21
N PHE A 240 16.19 -40.60 19.55
CA PHE A 240 16.52 -40.88 18.16
C PHE A 240 15.75 -39.99 17.18
N VAL A 241 14.75 -39.25 17.66
CA VAL A 241 13.98 -38.33 16.82
C VAL A 241 13.99 -36.94 17.45
N SER A 242 14.94 -36.69 18.35
CA SER A 242 15.05 -35.40 19.03
C SER A 242 16.45 -34.82 18.91
N PHE A 243 17.48 -35.68 18.99
CA PHE A 243 18.86 -35.20 18.87
C PHE A 243 19.75 -36.18 18.12
N PHE A 244 19.20 -37.04 17.27
CA PHE A 244 20.03 -37.86 16.40
C PHE A 244 19.58 -37.84 14.95
N ILE A 245 18.28 -37.80 14.69
CA ILE A 245 17.80 -37.48 13.34
C ILE A 245 17.91 -35.99 13.08
N PRO A 246 17.48 -35.11 13.99
CA PRO A 246 17.84 -33.68 13.83
C PRO A 246 19.33 -33.46 13.75
N LEU A 247 20.14 -34.20 14.51
CA LEU A 247 21.58 -34.01 14.43
C LEU A 247 22.12 -34.43 13.06
N THR A 248 21.63 -35.55 12.52
CA THR A 248 22.05 -35.97 11.19
C THR A 248 21.65 -34.92 10.16
N ILE A 249 20.43 -34.40 10.27
CA ILE A 249 19.98 -33.34 9.36
C ILE A 249 20.89 -32.13 9.48
N MET A 250 21.27 -31.75 10.71
CA MET A 250 22.06 -30.55 10.90
C MET A 250 23.48 -30.70 10.37
N VAL A 251 24.13 -31.85 10.58
CA VAL A 251 25.47 -32.00 10.02
C VAL A 251 25.42 -32.08 8.49
N ILE A 252 24.42 -32.76 7.92
CA ILE A 252 24.31 -32.79 6.46
C ILE A 252 24.07 -31.39 5.91
N THR A 253 23.21 -30.61 6.57
CA THR A 253 22.93 -29.25 6.13
C THR A 253 24.16 -28.37 6.28
N TYR A 254 24.91 -28.53 7.37
CA TYR A 254 26.14 -27.75 7.55
C TYR A 254 27.15 -28.06 6.45
N PHE A 255 27.34 -29.34 6.14
CA PHE A 255 28.26 -29.72 5.07
C PHE A 255 27.82 -29.14 3.73
N LEU A 256 26.52 -29.25 3.42
CA LEU A 256 26.05 -28.73 2.14
C LEU A 256 26.15 -27.22 2.08
N THR A 257 25.95 -26.51 3.20
CA THR A 257 26.01 -25.06 3.18
C THR A 257 27.45 -24.58 3.03
N ILE A 258 28.39 -25.17 3.78
CA ILE A 258 29.78 -24.77 3.60
C ILE A 258 30.28 -25.15 2.21
N LYS A 259 29.71 -26.21 1.61
CA LYS A 259 30.00 -26.49 0.21
C LYS A 259 29.44 -25.39 -0.70
N SER A 260 28.25 -24.87 -0.37
CA SER A 260 27.59 -23.90 -1.22
C SER A 260 28.21 -22.51 -1.11
N LEU A 261 28.64 -22.11 0.08
CA LEU A 261 29.20 -20.78 0.30
C LEU A 261 30.62 -20.64 -0.24
N GLN A 262 31.26 -21.73 -0.66
CA GLN A 262 32.63 -21.70 -1.15
C GLN A 262 32.78 -22.13 -2.60
N LYS A 263 31.72 -22.66 -3.23
CA LYS A 263 31.79 -23.10 -4.61
C LYS A 263 30.46 -22.90 -5.31
N GLN A 313 34.94 -9.22 -3.36
CA GLN A 313 34.23 -8.23 -2.54
C GLN A 313 33.02 -8.86 -1.86
N SER A 314 32.36 -9.77 -2.58
CA SER A 314 31.25 -10.54 -2.03
C SER A 314 31.71 -11.76 -1.26
N ILE A 315 33.00 -12.10 -1.31
CA ILE A 315 33.51 -13.27 -0.60
C ILE A 315 33.72 -12.99 0.89
N SER A 316 33.89 -11.72 1.29
CA SER A 316 34.02 -11.41 2.71
C SER A 316 32.71 -11.71 3.45
N ASN A 317 31.58 -11.38 2.83
CA ASN A 317 30.29 -11.71 3.43
C ASN A 317 30.12 -13.22 3.56
N GLU A 318 30.51 -13.97 2.53
CA GLU A 318 30.39 -15.42 2.58
C GLU A 318 31.31 -16.01 3.65
N GLN A 319 32.52 -15.46 3.80
CA GLN A 319 33.42 -15.93 4.84
C GLN A 319 32.86 -15.66 6.22
N LYS A 320 32.29 -14.46 6.44
CA LYS A 320 31.68 -14.17 7.72
C LYS A 320 30.50 -15.09 7.99
N ALA A 321 29.69 -15.36 6.97
CA ALA A 321 28.57 -16.28 7.14
C ALA A 321 29.05 -17.68 7.49
N CYS A 322 30.11 -18.15 6.84
CA CYS A 322 30.67 -19.46 7.14
C CYS A 322 31.19 -19.53 8.57
N LYS A 323 31.90 -18.47 9.01
CA LYS A 323 32.40 -18.44 10.37
C LYS A 323 31.27 -18.47 11.39
N VAL A 324 30.21 -17.68 11.15
CA VAL A 324 29.08 -17.65 12.07
C VAL A 324 28.38 -19.00 12.10
N LEU A 325 28.20 -19.63 10.93
CA LEU A 325 27.56 -20.93 10.87
C LEU A 325 28.39 -21.97 11.62
N GLY A 326 29.71 -21.94 11.44
CA GLY A 326 30.56 -22.88 12.15
C GLY A 326 30.50 -22.70 13.65
N ILE A 327 30.58 -21.46 14.12
CA ILE A 327 30.51 -21.19 15.56
C ILE A 327 29.19 -21.69 16.12
N VAL A 328 28.08 -21.36 15.45
CA VAL A 328 26.76 -21.74 15.94
C VAL A 328 26.62 -23.26 15.98
N PHE A 329 26.98 -23.94 14.89
CA PHE A 329 26.82 -25.38 14.80
C PHE A 329 27.68 -26.10 15.84
N PHE A 330 28.95 -25.70 15.96
CA PHE A 330 29.83 -26.39 16.88
C PHE A 330 29.47 -26.11 18.33
N LEU A 331 28.99 -24.89 18.66
CA LEU A 331 28.53 -24.64 20.01
C LEU A 331 27.30 -25.48 20.33
N PHE A 332 26.35 -25.55 19.41
CA PHE A 332 25.16 -26.38 19.61
C PHE A 332 25.55 -27.82 19.88
N VAL A 333 26.44 -28.37 19.04
CA VAL A 333 26.87 -29.76 19.21
C VAL A 333 27.58 -29.94 20.55
N VAL A 334 28.57 -29.11 20.85
CA VAL A 334 29.37 -29.32 22.05
C VAL A 334 28.57 -29.13 23.33
N MET A 335 27.54 -28.28 23.33
CA MET A 335 26.77 -28.08 24.54
C MET A 335 25.71 -29.17 24.74
N TRP A 336 24.97 -29.55 23.69
CA TRP A 336 23.88 -30.52 23.87
C TRP A 336 24.30 -31.97 23.70
N CYS A 337 25.23 -32.29 22.80
CA CYS A 337 25.60 -33.69 22.58
C CYS A 337 26.13 -34.42 23.81
N PRO A 338 26.95 -33.82 24.70
CA PRO A 338 27.42 -34.60 25.86
C PRO A 338 26.28 -35.16 26.71
N PHE A 339 25.24 -34.37 26.95
CA PHE A 339 24.12 -34.83 27.79
C PHE A 339 23.40 -35.99 27.12
N PHE A 340 23.11 -35.89 25.82
CA PHE A 340 22.41 -36.96 25.14
C PHE A 340 23.27 -38.21 25.04
N ILE A 341 24.57 -38.05 24.82
CA ILE A 341 25.47 -39.21 24.73
C ILE A 341 25.50 -39.95 26.06
N THR A 342 25.69 -39.23 27.17
CA THR A 342 25.69 -39.92 28.46
C THR A 342 24.32 -40.43 28.84
N ASN A 343 23.24 -39.77 28.39
CA ASN A 343 21.89 -40.28 28.64
C ASN A 343 21.66 -41.62 27.93
N ILE A 344 22.11 -41.74 26.69
CA ILE A 344 22.00 -43.02 25.99
C ILE A 344 22.92 -44.06 26.62
N MET A 345 24.11 -43.64 27.05
CA MET A 345 25.03 -44.57 27.68
C MET A 345 24.53 -45.09 29.01
N ALA A 346 23.74 -44.28 29.73
CA ALA A 346 23.14 -44.72 30.98
C ALA A 346 22.09 -45.80 30.80
N VAL A 347 21.54 -45.95 29.59
CA VAL A 347 20.48 -46.91 29.30
C VAL A 347 21.04 -48.15 28.61
N ILE A 348 21.82 -47.96 27.55
CA ILE A 348 22.31 -49.09 26.76
C ILE A 348 23.41 -49.87 27.46
N CYS A 349 24.11 -49.27 28.42
CA CYS A 349 25.14 -49.98 29.17
C CYS A 349 24.49 -50.81 30.28
N ASN A 354 29.53 -47.64 37.62
CA ASN A 354 29.27 -46.80 36.47
C ASN A 354 28.02 -45.95 36.66
N GLU A 355 27.04 -46.50 37.38
CA GLU A 355 25.76 -45.80 37.54
C GLU A 355 25.94 -44.48 38.30
N ASP A 356 26.69 -44.52 39.41
CA ASP A 356 26.90 -43.29 40.18
C ASP A 356 27.69 -42.26 39.39
N VAL A 357 28.74 -42.71 38.69
CA VAL A 357 29.56 -41.78 37.92
C VAL A 357 28.75 -41.17 36.78
N ILE A 358 27.97 -41.99 36.08
CA ILE A 358 27.18 -41.48 34.96
C ILE A 358 26.09 -40.54 35.47
N GLY A 359 25.51 -40.84 36.63
CA GLY A 359 24.52 -39.93 37.20
C GLY A 359 25.12 -38.59 37.59
N ALA A 360 26.30 -38.61 38.23
CA ALA A 360 26.97 -37.37 38.57
C ALA A 360 27.34 -36.58 37.33
N LEU A 361 27.76 -37.27 36.26
CA LEU A 361 28.05 -36.58 35.00
C LEU A 361 26.80 -35.97 34.40
N LEU A 362 25.68 -36.70 34.45
CA LEU A 362 24.42 -36.18 33.94
C LEU A 362 23.98 -34.93 34.69
N ASN A 363 24.22 -34.91 36.01
CA ASN A 363 23.79 -33.77 36.83
C ASN A 363 24.43 -32.47 36.38
N VAL A 364 25.63 -32.52 35.78
CA VAL A 364 26.32 -31.33 35.33
C VAL A 364 26.07 -31.10 33.84
N PHE A 365 25.96 -32.19 33.08
CA PHE A 365 25.74 -32.03 31.64
C PHE A 365 24.34 -31.53 31.33
N VAL A 366 23.35 -31.80 32.19
CA VAL A 366 22.03 -31.23 31.99
C VAL A 366 22.09 -29.72 32.11
N TRP A 367 22.89 -29.19 33.03
CA TRP A 367 23.05 -27.74 33.14
C TRP A 367 23.94 -27.17 32.04
N ILE A 368 24.92 -27.93 31.55
CA ILE A 368 25.64 -27.51 30.35
C ILE A 368 24.67 -27.33 29.19
N GLY A 369 23.73 -28.27 29.03
CA GLY A 369 22.70 -28.12 28.01
C GLY A 369 21.75 -26.97 28.27
N TYR A 370 21.36 -26.77 29.53
CA TYR A 370 20.51 -25.63 29.87
C TYR A 370 21.17 -24.31 29.53
N LEU A 371 22.49 -24.22 29.68
CA LEU A 371 23.20 -22.99 29.36
C LEU A 371 23.06 -22.58 27.90
N SER A 372 22.70 -23.52 27.02
CA SER A 372 22.46 -23.18 25.62
C SER A 372 21.28 -22.22 25.47
N SER A 373 20.30 -22.28 26.38
CA SER A 373 19.22 -21.30 26.35
C SER A 373 19.72 -19.89 26.63
N ALA A 374 20.79 -19.75 27.38
CA ALA A 374 21.41 -18.46 27.65
C ALA A 374 22.45 -18.06 26.59
N VAL A 375 22.79 -18.97 25.67
CA VAL A 375 23.78 -18.71 24.65
C VAL A 375 23.15 -18.55 23.27
N ASN A 376 22.00 -19.19 23.05
CA ASN A 376 21.32 -19.07 21.76
C ASN A 376 20.98 -17.65 21.36
N PRO A 377 20.33 -16.80 22.19
CA PRO A 377 20.02 -15.42 21.74
C PRO A 377 21.30 -14.70 21.36
N LEU A 378 22.34 -14.76 22.20
CA LEU A 378 23.54 -13.97 21.94
C LEU A 378 24.21 -14.35 20.63
N VAL A 379 24.27 -15.65 20.31
CA VAL A 379 24.93 -16.09 19.09
C VAL A 379 24.04 -15.98 17.86
N TYR A 380 22.71 -15.90 18.04
CA TYR A 380 21.81 -15.74 16.91
C TYR A 380 21.37 -14.31 16.65
N THR A 381 21.70 -13.37 17.54
CA THR A 381 21.19 -11.98 17.35
C THR A 381 22.30 -10.95 17.46
N LEU A 382 23.30 -11.17 18.31
CA LEU A 382 24.28 -10.12 18.56
C LEU A 382 25.20 -9.85 17.37
N PHE A 383 25.23 -10.71 16.35
CA PHE A 383 26.04 -10.42 15.18
C PHE A 383 25.47 -9.29 14.34
N ASN A 384 24.24 -8.86 14.65
CA ASN A 384 23.60 -7.73 13.93
C ASN A 384 23.87 -6.42 14.68
N LYS A 385 24.10 -5.32 13.95
CA LYS A 385 24.30 -4.04 14.60
C LYS A 385 23.00 -3.49 15.18
N THR A 386 21.86 -3.84 14.60
CA THR A 386 20.58 -3.43 15.16
C THR A 386 20.36 -4.03 16.54
N TYR A 387 20.66 -5.33 16.69
CA TYR A 387 20.52 -5.97 17.99
C TYR A 387 21.54 -5.43 18.99
N ARG A 388 22.77 -5.16 18.54
CA ARG A 388 23.76 -4.58 19.44
C ARG A 388 23.33 -3.20 19.92
N SER A 389 22.77 -2.38 19.03
CA SER A 389 22.25 -1.08 19.45
C SER A 389 21.06 -1.20 20.38
N ALA A 390 20.14 -2.13 20.11
CA ALA A 390 18.97 -2.30 20.96
C ALA A 390 19.33 -2.82 22.35
N PHE A 391 20.26 -3.76 22.43
CA PHE A 391 20.72 -4.25 23.73
C PHE A 391 21.35 -3.13 24.54
N SER A 392 21.99 -2.17 23.87
CA SER A 392 22.58 -1.00 24.51
C SER A 392 21.63 0.18 24.60
N ARG A 393 20.32 -0.08 24.62
CA ARG A 393 19.30 0.97 24.75
C ARG A 393 18.27 0.57 25.81
N THR B 4 -27.37 -4.94 12.86
CA THR B 4 -26.45 -3.81 12.98
C THR B 4 -25.89 -3.42 11.62
N VAL B 5 -25.70 -4.42 10.76
CA VAL B 5 -25.23 -4.24 9.39
C VAL B 5 -26.37 -4.59 8.46
N SER B 6 -26.71 -3.69 7.54
CA SER B 6 -27.80 -3.92 6.62
C SER B 6 -27.42 -4.93 5.55
N ALA B 7 -28.42 -5.38 4.79
CA ALA B 7 -28.17 -6.35 3.73
C ALA B 7 -27.26 -5.79 2.66
N GLU B 8 -27.49 -4.54 2.26
CA GLU B 8 -26.65 -3.91 1.24
C GLU B 8 -25.24 -3.70 1.74
N ASP B 9 -25.08 -3.34 3.02
CA ASP B 9 -23.75 -3.22 3.59
C ASP B 9 -23.04 -4.56 3.63
N LYS B 10 -23.79 -5.62 3.92
CA LYS B 10 -23.20 -6.99 3.94
C LYS B 10 -22.71 -7.33 2.52
N ALA B 11 -23.53 -7.04 1.50
CA ALA B 11 -23.14 -7.30 0.13
C ALA B 11 -21.92 -6.47 -0.28
N ALA B 12 -21.86 -5.21 0.17
CA ALA B 12 -20.70 -4.38 -0.09
C ALA B 12 -19.45 -4.95 0.57
N ALA B 13 -19.59 -5.50 1.78
CA ALA B 13 -18.47 -6.16 2.44
C ALA B 13 -18.00 -7.37 1.66
N GLU B 14 -18.95 -8.14 1.12
CA GLU B 14 -18.57 -9.32 0.29
C GLU B 14 -17.78 -8.82 -0.93
N ARG B 15 -18.24 -7.75 -1.57
CA ARG B 15 -17.54 -7.20 -2.72
C ARG B 15 -16.13 -6.76 -2.34
N SER B 16 -15.99 -6.11 -1.19
CA SER B 16 -14.67 -5.68 -0.73
C SER B 16 -13.76 -6.87 -0.46
N LYS B 17 -14.31 -7.96 0.07
CA LYS B 17 -13.50 -9.16 0.31
C LYS B 17 -13.02 -9.77 -1.02
N MET B 18 -13.90 -9.80 -2.03
CA MET B 18 -13.46 -10.28 -3.33
C MET B 18 -12.37 -9.39 -3.91
N ILE B 19 -12.50 -8.07 -3.73
CA ILE B 19 -11.45 -7.17 -4.21
C ILE B 19 -10.14 -7.45 -3.48
N ASP B 20 -10.21 -7.70 -2.17
CA ASP B 20 -9.01 -8.04 -1.41
C ASP B 20 -8.36 -9.30 -1.95
N LYS B 21 -9.16 -10.32 -2.27
CA LYS B 21 -8.61 -11.55 -2.81
C LYS B 21 -7.91 -11.30 -4.14
N ASN B 22 -8.53 -10.50 -5.01
CA ASN B 22 -7.91 -10.20 -6.29
C ASN B 22 -6.61 -9.41 -6.11
N LEU B 23 -6.60 -8.46 -5.18
CA LEU B 23 -5.38 -7.69 -4.93
C LEU B 23 -4.26 -8.59 -4.42
N ARG B 24 -4.58 -9.53 -3.52
CA ARG B 24 -3.56 -10.44 -3.01
C ARG B 24 -3.02 -11.33 -4.12
N GLU B 25 -3.91 -11.82 -5.00
CA GLU B 25 -3.43 -12.63 -6.12
C GLU B 25 -2.52 -11.83 -7.04
N ASP B 26 -2.89 -10.58 -7.33
CA ASP B 26 -2.04 -9.73 -8.16
C ASP B 26 -0.69 -9.46 -7.51
N GLY B 27 -0.66 -9.23 -6.20
CA GLY B 27 0.61 -9.02 -5.52
C GLY B 27 1.48 -10.27 -5.52
N GLU B 28 0.86 -11.44 -5.35
CA GLU B 28 1.62 -12.68 -5.44
C GLU B 28 2.21 -12.87 -6.83
N LYS B 29 1.44 -12.54 -7.87
CA LYS B 29 1.97 -12.61 -9.22
C LYS B 29 3.11 -11.62 -9.42
N ALA B 30 3.00 -10.43 -8.85
CA ALA B 30 4.01 -9.39 -9.05
C ALA B 30 5.31 -9.72 -8.31
N ARG B 31 5.21 -10.38 -7.15
CA ARG B 31 6.39 -10.61 -6.32
C ARG B 31 7.40 -11.52 -7.01
N ARG B 32 6.95 -12.32 -7.99
CA ARG B 32 7.86 -13.21 -8.69
C ARG B 32 8.92 -12.45 -9.46
N THR B 33 8.53 -11.34 -10.11
CA THR B 33 9.45 -10.62 -10.99
C THR B 33 10.47 -9.82 -10.18
N LEU B 34 11.67 -9.70 -10.75
CA LEU B 34 12.75 -8.87 -10.21
C LEU B 34 12.89 -7.64 -11.11
N ARG B 35 12.94 -6.47 -10.49
CA ARG B 35 12.86 -5.20 -11.20
C ARG B 35 14.24 -4.55 -11.30
N LEU B 36 14.56 -4.07 -12.50
CA LEU B 36 15.87 -3.51 -12.82
C LEU B 36 15.69 -2.10 -13.39
N LEU B 37 16.58 -1.19 -13.00
CA LEU B 37 16.59 0.18 -13.52
C LEU B 37 17.83 0.38 -14.37
N LEU B 38 17.62 0.77 -15.62
CA LEU B 38 18.70 1.00 -16.58
C LEU B 38 18.96 2.50 -16.69
N LEU B 39 20.22 2.90 -16.53
CA LEU B 39 20.60 4.30 -16.56
C LEU B 39 21.92 4.45 -17.30
N GLY B 40 21.87 4.80 -18.58
CA GLY B 40 23.03 5.14 -19.36
C GLY B 40 22.96 6.58 -19.81
N ALA B 41 24.03 7.34 -19.60
CA ALA B 41 23.98 8.78 -19.86
C ALA B 41 23.74 9.08 -21.33
N ASP B 42 24.58 8.52 -22.20
CA ASP B 42 24.47 8.73 -23.64
C ASP B 42 25.52 7.86 -24.33
N ASN B 43 25.28 7.57 -25.62
CA ASN B 43 26.18 6.82 -26.49
C ASN B 43 26.72 5.55 -25.84
N SER B 44 25.90 4.89 -25.03
CA SER B 44 26.35 3.81 -24.17
C SER B 44 26.00 2.42 -24.70
N GLY B 45 25.15 2.33 -25.72
CA GLY B 45 24.65 1.03 -26.14
C GLY B 45 23.74 0.40 -25.11
N LYS B 46 23.11 1.21 -24.27
CA LYS B 46 22.29 0.67 -23.19
C LYS B 46 21.04 -0.01 -23.72
N SER B 47 20.55 0.45 -24.89
CA SER B 47 19.46 -0.27 -25.54
C SER B 47 19.93 -1.59 -26.13
N THR B 48 21.24 -1.73 -26.34
CA THR B 48 21.78 -2.85 -27.12
C THR B 48 22.41 -3.92 -26.23
N ILE B 49 22.67 -3.61 -24.96
CA ILE B 49 23.43 -4.54 -24.11
C ILE B 49 22.69 -5.88 -23.98
N VAL B 50 21.38 -5.85 -23.75
CA VAL B 50 20.55 -7.05 -23.67
C VAL B 50 19.70 -7.09 -24.92
N LYS B 51 20.20 -7.77 -25.96
CA LYS B 51 19.53 -7.85 -27.25
C LYS B 51 18.92 -9.22 -27.55
N GLN B 52 19.19 -10.23 -26.73
CA GLN B 52 18.62 -11.55 -26.99
C GLN B 52 17.10 -11.53 -26.88
N MET B 53 16.57 -10.82 -25.89
CA MET B 53 15.13 -10.69 -25.67
C MET B 53 14.68 -9.30 -26.09
N ARG B 54 13.65 -9.26 -26.92
CA ARG B 54 13.10 -7.98 -27.40
C ARG B 54 11.58 -8.07 -27.49
N GLY B 68 6.51 7.79 -22.00
CA GLY B 68 7.42 8.52 -21.15
C GLY B 68 8.44 7.63 -20.46
N ILE B 69 8.08 6.36 -20.25
CA ILE B 69 8.95 5.37 -19.64
C ILE B 69 8.87 4.09 -20.46
N PHE B 70 10.02 3.54 -20.81
CA PHE B 70 10.12 2.34 -21.63
C PHE B 70 10.46 1.15 -20.75
N GLU B 71 9.93 -0.02 -21.12
CA GLU B 71 10.11 -1.25 -20.37
C GLU B 71 10.44 -2.40 -21.31
N THR B 72 11.29 -3.31 -20.86
CA THR B 72 11.62 -4.53 -21.59
C THR B 72 11.74 -5.68 -20.59
N LYS B 73 11.27 -6.86 -20.99
CA LYS B 73 11.23 -8.04 -20.13
C LYS B 73 12.03 -9.16 -20.77
N PHE B 74 12.88 -9.81 -19.97
CA PHE B 74 13.65 -10.97 -20.40
C PHE B 74 13.72 -11.97 -19.26
N GLN B 75 13.87 -13.25 -19.62
CA GLN B 75 13.87 -14.36 -18.67
C GLN B 75 15.13 -15.19 -18.84
N VAL B 76 15.80 -15.47 -17.72
CA VAL B 76 16.95 -16.35 -17.68
C VAL B 76 16.80 -17.26 -16.47
N ASP B 77 16.93 -18.57 -16.69
CA ASP B 77 16.87 -19.57 -15.62
C ASP B 77 15.51 -19.53 -14.91
N LYS B 78 14.45 -19.28 -15.69
CA LYS B 78 13.08 -19.27 -15.17
C LYS B 78 12.90 -18.18 -14.11
N VAL B 79 13.59 -17.06 -14.29
CA VAL B 79 13.47 -15.89 -13.42
C VAL B 79 13.13 -14.70 -14.28
N ASN B 80 12.05 -14.00 -13.93
CA ASN B 80 11.55 -12.87 -14.71
C ASN B 80 12.31 -11.61 -14.30
N PHE B 81 12.81 -10.88 -15.30
CA PHE B 81 13.48 -9.61 -15.12
C PHE B 81 12.77 -8.55 -15.95
N HIS B 82 12.50 -7.40 -15.35
CA HIS B 82 11.85 -6.28 -16.02
C HIS B 82 12.72 -5.04 -15.88
N MET B 83 13.14 -4.48 -17.01
CA MET B 83 14.14 -3.42 -17.08
C MET B 83 13.50 -2.13 -17.54
N PHE B 84 13.71 -1.05 -16.78
CA PHE B 84 13.08 0.23 -17.04
C PHE B 84 14.11 1.23 -17.55
N ASP B 85 13.79 1.89 -18.67
CA ASP B 85 14.55 3.02 -19.19
C ASP B 85 13.59 4.18 -19.38
N VAL B 86 13.97 5.35 -18.87
CA VAL B 86 13.11 6.54 -18.88
C VAL B 86 13.70 7.53 -19.86
N GLY B 87 13.23 7.48 -21.11
CA GLY B 87 13.71 8.41 -22.12
C GLY B 87 12.94 9.71 -22.17
N GLY B 88 11.72 9.71 -21.62
CA GLY B 88 10.86 10.89 -21.74
C GLY B 88 11.40 12.09 -20.97
N GLN B 89 11.94 11.85 -19.77
CA GLN B 89 12.31 12.96 -18.90
C GLN B 89 13.54 13.68 -19.42
N ARG B 90 13.78 14.86 -18.87
CA ARG B 90 14.93 15.68 -19.24
C ARG B 90 16.21 15.03 -18.74
N ASP B 91 17.33 15.71 -18.99
CA ASP B 91 18.64 15.13 -18.71
C ASP B 91 18.82 14.82 -17.22
N GLU B 92 18.39 15.73 -16.35
CA GLU B 92 18.54 15.53 -14.92
C GLU B 92 17.39 14.66 -14.40
N ARG B 93 17.74 13.61 -13.67
CA ARG B 93 16.80 12.57 -13.25
C ARG B 93 16.46 12.63 -11.76
N ARG B 94 16.77 13.74 -11.09
CA ARG B 94 16.83 13.72 -9.62
C ARG B 94 15.47 13.41 -9.00
N LYS B 95 14.39 14.01 -9.53
CA LYS B 95 13.13 13.97 -8.81
C LYS B 95 12.47 12.60 -8.89
N TRP B 96 12.46 11.98 -10.08
CA TRP B 96 11.73 10.72 -10.22
C TRP B 96 12.57 9.52 -9.78
N ILE B 97 13.80 9.74 -9.33
CA ILE B 97 14.64 8.63 -8.90
C ILE B 97 14.13 8.00 -7.61
N GLN B 98 13.34 8.74 -6.84
CA GLN B 98 12.83 8.19 -5.58
C GLN B 98 11.84 7.06 -5.83
N CYS B 99 11.25 7.01 -7.03
CA CYS B 99 10.30 5.95 -7.34
C CYS B 99 10.98 4.58 -7.33
N PHE B 100 12.18 4.49 -7.89
CA PHE B 100 12.91 3.23 -8.02
C PHE B 100 13.84 2.99 -6.83
N ASN B 101 13.28 3.13 -5.63
CA ASN B 101 14.03 2.86 -4.41
C ASN B 101 13.84 1.44 -3.88
N ASP B 102 13.12 0.58 -4.61
CA ASP B 102 12.88 -0.80 -4.22
C ASP B 102 13.38 -1.80 -5.25
N VAL B 103 14.04 -1.35 -6.32
CA VAL B 103 14.48 -2.26 -7.37
C VAL B 103 15.56 -3.19 -6.82
N THR B 104 15.70 -4.36 -7.45
CA THR B 104 16.76 -5.28 -7.08
C THR B 104 18.14 -4.68 -7.33
N ALA B 105 18.31 -4.03 -8.48
CA ALA B 105 19.59 -3.44 -8.84
C ALA B 105 19.35 -2.34 -9.86
N ILE B 106 20.37 -1.50 -10.03
CA ILE B 106 20.47 -0.55 -11.13
C ILE B 106 21.52 -1.07 -12.09
N ILE B 107 21.26 -0.92 -13.38
CA ILE B 107 22.24 -1.23 -14.41
C ILE B 107 22.72 0.10 -15.00
N PHE B 108 23.99 0.42 -14.75
CA PHE B 108 24.63 1.61 -15.28
C PHE B 108 25.52 1.20 -16.45
N VAL B 109 25.34 1.84 -17.60
CA VAL B 109 26.09 1.56 -18.81
C VAL B 109 26.97 2.77 -19.08
N VAL B 110 28.24 2.50 -19.41
CA VAL B 110 29.22 3.54 -19.67
C VAL B 110 30.02 3.18 -20.92
N ASP B 111 30.30 4.18 -21.74
CA ASP B 111 31.15 4.05 -22.90
C ASP B 111 32.59 4.36 -22.49
N SER B 112 33.38 3.31 -22.26
CA SER B 112 34.77 3.50 -21.85
C SER B 112 35.62 4.08 -22.97
N SER B 113 35.17 3.95 -24.22
CA SER B 113 35.94 4.45 -25.35
C SER B 113 36.08 5.97 -25.30
N ASP B 114 35.01 6.68 -24.94
CA ASP B 114 35.01 8.14 -24.93
C ASP B 114 35.70 8.62 -23.67
N TYR B 115 36.94 9.10 -23.83
CA TYR B 115 37.71 9.58 -22.67
C TYR B 115 37.23 10.95 -22.22
N ASN B 116 36.84 11.81 -23.16
CA ASN B 116 36.46 13.18 -22.81
C ASN B 116 35.24 13.21 -21.90
N ARG B 117 34.22 12.40 -22.20
CA ARG B 117 33.01 12.31 -21.38
C ARG B 117 33.12 11.28 -20.27
N LEU B 118 34.28 10.66 -20.10
CA LEU B 118 34.45 9.62 -19.09
C LEU B 118 34.32 10.21 -17.68
N GLN B 119 34.82 11.42 -17.48
CA GLN B 119 34.65 12.08 -16.18
C GLN B 119 33.19 12.43 -15.94
N GLU B 120 32.45 12.79 -17.00
CA GLU B 120 31.03 13.02 -16.86
C GLU B 120 30.31 11.74 -16.45
N ALA B 121 30.71 10.61 -17.02
CA ALA B 121 30.17 9.32 -16.61
C ALA B 121 30.47 9.05 -15.14
N LEU B 122 31.69 9.36 -14.70
CA LEU B 122 32.04 9.17 -13.29
C LEU B 122 31.17 10.04 -12.38
N ASN B 123 30.95 11.30 -12.76
CA ASN B 123 30.12 12.18 -11.95
C ASN B 123 28.68 11.68 -11.88
N ASP B 124 28.14 11.21 -13.01
CA ASP B 124 26.80 10.65 -13.02
C ASP B 124 26.71 9.42 -12.11
N PHE B 125 27.70 8.54 -12.20
CA PHE B 125 27.69 7.33 -11.37
C PHE B 125 27.80 7.69 -9.89
N LYS B 126 28.64 8.67 -9.55
CA LYS B 126 28.76 9.08 -8.16
C LYS B 126 27.45 9.66 -7.64
N SER B 127 26.78 10.46 -8.47
CA SER B 127 25.50 11.03 -8.06
C SER B 127 24.47 9.94 -7.80
N ILE B 128 24.43 8.92 -8.67
CA ILE B 128 23.49 7.82 -8.44
C ILE B 128 23.89 7.02 -7.20
N TRP B 129 25.18 6.77 -7.01
CA TRP B 129 25.64 5.94 -5.90
C TRP B 129 25.35 6.60 -4.56
N ASN B 130 25.57 7.91 -4.46
CA ASN B 130 25.42 8.63 -3.20
C ASN B 130 24.00 9.16 -2.98
N ASN B 131 23.05 8.81 -3.84
CA ASN B 131 21.67 9.26 -3.67
C ASN B 131 21.09 8.72 -2.37
N ARG B 132 20.33 9.57 -1.67
CA ARG B 132 19.76 9.17 -0.39
C ARG B 132 18.73 8.06 -0.55
N TRP B 133 17.99 8.07 -1.66
CA TRP B 133 16.94 7.08 -1.85
C TRP B 133 17.52 5.73 -2.28
N LEU B 134 18.65 5.74 -2.99
CA LEU B 134 19.25 4.52 -3.52
C LEU B 134 20.42 4.02 -2.69
N ARG B 135 20.37 4.19 -1.36
CA ARG B 135 21.49 3.80 -0.52
C ARG B 135 21.64 2.30 -0.44
N THR B 136 20.53 1.56 -0.51
CA THR B 136 20.52 0.12 -0.28
C THR B 136 20.48 -0.71 -1.56
N ILE B 137 20.68 -0.10 -2.73
CA ILE B 137 20.52 -0.75 -4.02
C ILE B 137 21.89 -0.95 -4.65
N SER B 138 22.15 -2.17 -5.13
CA SER B 138 23.39 -2.47 -5.82
C SER B 138 23.34 -1.94 -7.25
N VAL B 139 24.52 -1.84 -7.87
CA VAL B 139 24.67 -1.34 -9.24
C VAL B 139 25.44 -2.39 -10.03
N ILE B 140 24.89 -2.78 -11.17
CA ILE B 140 25.57 -3.66 -12.12
C ILE B 140 26.11 -2.79 -13.23
N LEU B 141 27.40 -2.44 -13.14
CA LEU B 141 28.04 -1.53 -14.07
C LEU B 141 28.51 -2.29 -15.30
N PHE B 142 28.04 -1.87 -16.47
CA PHE B 142 28.47 -2.43 -17.75
C PHE B 142 29.32 -1.40 -18.48
N LEU B 143 30.59 -1.73 -18.68
CA LEU B 143 31.51 -0.89 -19.44
C LEU B 143 31.46 -1.32 -20.90
N ASN B 144 30.75 -0.54 -21.72
CA ASN B 144 30.41 -0.93 -23.07
C ASN B 144 31.52 -0.52 -24.03
N LYS B 145 31.49 -1.12 -25.22
CA LYS B 145 32.39 -0.76 -26.31
C LYS B 145 33.85 -0.97 -25.91
N GLN B 146 34.11 -2.07 -25.22
CA GLN B 146 35.49 -2.42 -24.88
C GLN B 146 36.30 -2.69 -26.14
N ASP B 147 35.66 -3.15 -27.21
CA ASP B 147 36.39 -3.34 -28.46
C ASP B 147 36.84 -2.01 -29.05
N LEU B 148 36.00 -0.97 -28.95
CA LEU B 148 36.40 0.36 -29.39
C LEU B 148 37.54 0.89 -28.51
N LEU B 149 37.44 0.68 -27.20
CA LEU B 149 38.52 1.07 -26.30
C LEU B 149 39.82 0.38 -26.67
N ALA B 150 39.76 -0.92 -26.97
CA ALA B 150 40.95 -1.69 -27.32
C ALA B 150 41.55 -1.18 -28.62
N GLU B 151 40.70 -0.91 -29.62
CA GLU B 151 41.20 -0.39 -30.90
C GLU B 151 41.88 0.95 -30.70
N LYS B 152 41.26 1.83 -29.91
CA LYS B 152 41.81 3.17 -29.71
C LYS B 152 43.14 3.11 -28.96
N VAL B 153 43.22 2.34 -27.87
CA VAL B 153 44.45 2.29 -27.10
C VAL B 153 45.55 1.58 -27.88
N LEU B 154 45.19 0.56 -28.67
CA LEU B 154 46.20 -0.11 -29.50
C LEU B 154 46.73 0.83 -30.56
N ALA B 155 45.86 1.63 -31.17
CA ALA B 155 46.32 2.62 -32.14
C ALA B 155 47.23 3.64 -31.47
N GLY B 156 46.86 4.11 -30.29
CA GLY B 156 47.69 5.02 -29.53
C GLY B 156 47.66 6.47 -30.01
N LYS B 157 46.79 6.80 -30.96
CA LYS B 157 46.70 8.18 -31.42
C LYS B 157 46.25 9.09 -30.29
N SER B 158 45.25 8.66 -29.52
CA SER B 158 44.76 9.38 -28.35
C SER B 158 45.08 8.55 -27.11
N LYS B 159 45.70 9.18 -26.12
CA LYS B 159 46.12 8.53 -24.89
C LYS B 159 45.48 9.23 -23.70
N ILE B 160 45.00 8.45 -22.74
CA ILE B 160 44.41 9.03 -21.53
C ILE B 160 45.52 9.50 -20.59
N GLU B 161 46.72 8.94 -20.73
CA GLU B 161 47.85 9.37 -19.90
C GLU B 161 48.18 10.83 -20.13
N ASP B 162 48.03 11.29 -21.38
CA ASP B 162 48.31 12.68 -21.71
C ASP B 162 47.38 13.63 -20.95
N TYR B 163 46.07 13.39 -21.05
CA TYR B 163 45.11 14.23 -20.34
C TYR B 163 45.09 13.89 -18.84
N PHE B 164 45.11 12.60 -18.51
CA PHE B 164 45.01 12.12 -17.14
C PHE B 164 46.39 11.78 -16.60
N PRO B 165 46.91 12.45 -15.56
CA PRO B 165 48.25 12.06 -15.06
C PRO B 165 48.31 10.63 -14.52
N GLU B 166 47.18 10.09 -14.07
CA GLU B 166 47.21 8.84 -13.33
C GLU B 166 47.58 7.65 -14.20
N PHE B 167 47.11 7.63 -15.45
CA PHE B 167 47.44 6.51 -16.33
C PHE B 167 48.88 6.59 -16.81
N ALA B 168 49.48 7.78 -16.82
CA ALA B 168 50.87 7.92 -17.24
C ALA B 168 51.78 7.09 -16.35
N ARG B 169 51.48 7.03 -15.05
CA ARG B 169 52.16 6.16 -14.11
C ARG B 169 51.10 5.30 -13.42
N TYR B 170 50.96 4.06 -13.90
CA TYR B 170 49.96 3.14 -13.38
C TYR B 170 50.54 1.73 -13.39
N THR B 171 50.34 1.03 -12.29
CA THR B 171 50.76 -0.36 -12.13
C THR B 171 49.53 -1.25 -12.21
N THR B 172 49.54 -2.20 -13.12
CA THR B 172 48.39 -3.07 -13.29
C THR B 172 48.25 -3.97 -12.06
N PRO B 173 47.02 -4.24 -11.58
CA PRO B 173 46.92 -5.07 -10.38
C PRO B 173 47.07 -6.56 -10.68
N ASP B 183 46.34 -7.50 -25.36
CA ASP B 183 47.62 -6.86 -25.12
C ASP B 183 47.71 -6.39 -23.67
N PRO B 184 48.91 -5.99 -23.17
CA PRO B 184 49.06 -5.45 -21.79
C PRO B 184 48.58 -4.00 -21.72
N ARG B 185 48.73 -3.23 -22.80
CA ARG B 185 48.22 -1.86 -22.77
C ARG B 185 46.70 -1.83 -22.64
N VAL B 186 46.02 -2.74 -23.36
CA VAL B 186 44.57 -2.85 -23.22
C VAL B 186 44.22 -3.22 -21.80
N THR B 187 44.98 -4.14 -21.20
CA THR B 187 44.75 -4.53 -19.81
C THR B 187 44.91 -3.34 -18.87
N ARG B 188 45.99 -2.57 -19.04
CA ARG B 188 46.21 -1.43 -18.15
C ARG B 188 45.08 -0.42 -18.28
N ALA B 189 44.66 -0.12 -19.51
CA ALA B 189 43.56 0.83 -19.69
C ALA B 189 42.26 0.31 -19.09
N LYS B 190 41.93 -0.96 -19.34
CA LYS B 190 40.67 -1.50 -18.87
C LYS B 190 40.62 -1.55 -17.35
N TYR B 191 41.67 -2.05 -16.70
CA TYR B 191 41.67 -2.10 -15.24
C TYR B 191 41.73 -0.71 -14.62
N PHE B 192 42.41 0.25 -15.26
CA PHE B 192 42.38 1.60 -14.72
C PHE B 192 40.98 2.20 -14.80
N ILE B 193 40.31 2.03 -15.93
CA ILE B 193 38.95 2.55 -16.08
C ILE B 193 38.01 1.89 -15.09
N ARG B 194 38.16 0.57 -14.92
CA ARG B 194 37.31 -0.16 -13.94
C ARG B 194 37.58 0.40 -12.54
N LYS B 195 38.85 0.57 -12.18
CA LYS B 195 39.22 1.05 -10.86
C LYS B 195 38.67 2.46 -10.61
N GLU B 196 38.52 3.25 -11.67
CA GLU B 196 37.95 4.59 -11.52
C GLU B 196 36.56 4.53 -10.91
N PHE B 197 35.70 3.63 -11.39
CA PHE B 197 34.36 3.49 -10.81
C PHE B 197 34.40 2.72 -9.49
N VAL B 198 35.27 1.71 -9.40
CA VAL B 198 35.29 0.87 -8.21
C VAL B 198 35.76 1.66 -7.01
N ASP B 199 36.63 2.66 -7.22
CA ASP B 199 37.03 3.52 -6.12
C ASP B 199 35.86 4.32 -5.58
N ILE B 200 35.02 4.85 -6.47
CA ILE B 200 33.84 5.59 -6.02
C ILE B 200 32.90 4.67 -5.25
N SER B 201 32.71 3.45 -5.76
CA SER B 201 31.82 2.51 -5.07
C SER B 201 32.38 2.13 -3.70
N THR B 202 33.70 1.95 -3.60
CA THR B 202 34.32 1.50 -2.36
C THR B 202 34.43 2.64 -1.35
N ALA B 203 34.41 3.89 -1.82
CA ALA B 203 34.66 5.03 -0.94
C ALA B 203 33.63 5.11 0.19
N SER B 204 32.38 4.75 -0.09
CA SER B 204 31.37 4.76 0.96
C SER B 204 31.69 3.75 2.05
N GLY B 205 32.04 2.52 1.65
CA GLY B 205 32.42 1.49 2.60
C GLY B 205 31.30 0.95 3.46
N ASP B 206 30.05 1.28 3.16
CA ASP B 206 28.95 0.80 3.98
C ASP B 206 28.80 -0.71 3.90
N GLY B 207 28.91 -1.27 2.70
CA GLY B 207 28.70 -2.68 2.49
C GLY B 207 27.26 -3.11 2.33
N ARG B 208 26.31 -2.18 2.48
CA ARG B 208 24.90 -2.53 2.29
C ARG B 208 24.57 -2.75 0.82
N HIS B 209 25.36 -2.16 -0.08
CA HIS B 209 25.15 -2.30 -1.51
C HIS B 209 26.51 -2.37 -2.21
N ILE B 210 26.55 -3.10 -3.31
CA ILE B 210 27.78 -3.49 -3.99
C ILE B 210 27.69 -3.13 -5.46
N CYS B 211 28.82 -2.71 -6.03
CA CYS B 211 28.95 -2.47 -7.46
C CYS B 211 29.52 -3.74 -8.11
N TYR B 212 28.90 -4.17 -9.20
CA TYR B 212 29.30 -5.38 -9.93
C TYR B 212 29.82 -4.98 -11.30
N PRO B 213 31.11 -4.65 -11.47
CA PRO B 213 31.55 -4.16 -12.78
C PRO B 213 31.84 -5.25 -13.79
N HIS B 214 31.32 -5.06 -15.01
CA HIS B 214 31.49 -6.00 -16.10
C HIS B 214 31.94 -5.24 -17.34
N PHE B 215 32.99 -5.74 -17.99
CA PHE B 215 33.48 -5.17 -19.23
C PHE B 215 32.79 -5.86 -20.39
N THR B 216 32.10 -5.10 -21.21
CA THR B 216 31.21 -5.61 -22.25
C THR B 216 31.52 -4.93 -23.58
N CYS B 217 31.40 -5.70 -24.66
CA CYS B 217 31.58 -5.18 -26.00
C CYS B 217 30.25 -4.71 -26.57
N ALA B 218 30.31 -4.08 -27.75
CA ALA B 218 29.09 -3.54 -28.37
C ALA B 218 28.10 -4.66 -28.67
N VAL B 219 28.59 -5.84 -29.00
CA VAL B 219 27.76 -7.03 -29.19
C VAL B 219 28.30 -8.12 -28.27
N ASP B 220 27.45 -8.61 -27.38
CA ASP B 220 27.81 -9.65 -26.42
C ASP B 220 26.66 -10.62 -26.31
N THR B 221 26.95 -11.91 -26.54
CA THR B 221 25.89 -12.92 -26.49
C THR B 221 25.34 -13.06 -25.08
N GLU B 222 26.21 -13.01 -24.07
CA GLU B 222 25.85 -13.28 -22.68
C GLU B 222 25.96 -12.00 -21.86
N ASN B 223 24.82 -11.36 -21.60
CA ASN B 223 24.73 -10.23 -20.67
C ASN B 223 23.65 -10.48 -19.64
N ALA B 224 22.54 -11.09 -20.09
CA ALA B 224 21.47 -11.45 -19.17
C ALA B 224 21.96 -12.50 -18.17
N ARG B 225 22.86 -13.38 -18.59
CA ARG B 225 23.45 -14.35 -17.65
C ARG B 225 24.19 -13.63 -16.53
N ARG B 226 24.99 -12.62 -16.88
CA ARG B 226 25.75 -11.90 -15.85
C ARG B 226 24.82 -11.08 -14.97
N ILE B 227 23.77 -10.49 -15.55
CA ILE B 227 22.77 -9.79 -14.74
C ILE B 227 22.13 -10.76 -13.77
N PHE B 228 21.79 -11.96 -14.24
CA PHE B 228 21.17 -12.95 -13.36
C PHE B 228 22.10 -13.38 -12.24
N ASN B 229 23.39 -13.56 -12.54
CA ASN B 229 24.34 -13.94 -11.51
C ASN B 229 24.50 -12.84 -10.47
N ASP B 230 24.61 -11.59 -10.90
CA ASP B 230 24.75 -10.50 -9.94
C ASP B 230 23.48 -10.33 -9.11
N CYS B 231 22.31 -10.51 -9.71
CA CYS B 231 21.06 -10.43 -8.96
C CYS B 231 20.96 -11.57 -7.94
N LYS B 232 21.41 -12.76 -8.32
CA LYS B 232 21.46 -13.87 -7.38
C LYS B 232 22.37 -13.55 -6.20
N ASP B 233 23.54 -12.96 -6.48
CA ASP B 233 24.44 -12.58 -5.39
C ASP B 233 23.81 -11.50 -4.51
N ILE B 234 23.10 -10.54 -5.11
CA ILE B 234 22.47 -9.48 -4.33
C ILE B 234 21.43 -10.08 -3.38
N ILE B 235 20.60 -10.98 -3.90
CA ILE B 235 19.59 -11.62 -3.06
C ILE B 235 20.26 -12.45 -1.98
N LEU B 236 21.38 -13.10 -2.30
CA LEU B 236 22.09 -13.89 -1.30
C LEU B 236 22.62 -13.00 -0.18
N GLN B 237 23.17 -11.83 -0.52
CA GLN B 237 23.67 -10.94 0.52
C GLN B 237 22.53 -10.39 1.38
N MET B 238 21.39 -10.08 0.77
CA MET B 238 20.23 -9.68 1.57
C MET B 238 19.81 -10.79 2.52
N ASN B 239 19.84 -12.04 2.03
CA ASN B 239 19.49 -13.18 2.88
C ASN B 239 20.44 -13.31 4.06
N LEU B 240 21.75 -13.18 3.79
CA LEU B 240 22.74 -13.27 4.86
C LEU B 240 22.56 -12.15 5.87
N ARG B 241 22.16 -10.96 5.42
CA ARG B 241 21.94 -9.87 6.36
C ARG B 241 20.66 -10.06 7.18
N GLU B 242 19.60 -10.60 6.59
CA GLU B 242 18.37 -10.79 7.36
C GLU B 242 18.54 -11.91 8.39
N TYR B 243 19.33 -12.94 8.05
CA TYR B 243 19.52 -14.06 8.96
C TYR B 243 20.50 -13.76 10.09
N ASN B 244 21.07 -12.55 10.16
CA ASN B 244 22.04 -12.12 11.16
C ASN B 244 23.38 -12.83 11.00
N LEU B 245 23.58 -13.62 9.92
CA LEU B 245 24.86 -14.30 9.75
C LEU B 245 25.97 -13.32 9.43
N VAL B 246 25.70 -12.36 8.54
CA VAL B 246 26.68 -11.38 8.08
C VAL B 246 26.07 -9.99 8.16
N GLU C 21 22.28 45.89 -26.25
CA GLU C 21 20.83 45.72 -26.26
C GLU C 21 20.43 44.68 -25.23
N LEU C 22 21.12 43.53 -25.25
CA LEU C 22 20.84 42.47 -24.28
C LEU C 22 21.12 42.95 -22.86
N ASP C 23 22.22 43.68 -22.66
CA ASP C 23 22.52 44.23 -21.35
C ASP C 23 21.44 45.21 -20.90
N GLN C 24 20.85 45.95 -21.85
CA GLN C 24 19.76 46.85 -21.51
C GLN C 24 18.56 46.09 -20.97
N LEU C 25 18.19 44.99 -21.62
CA LEU C 25 17.06 44.19 -21.15
C LEU C 25 17.37 43.54 -19.80
N ARG C 26 18.61 43.08 -19.62
CA ARG C 26 18.99 42.50 -18.32
C ARG C 26 18.92 43.56 -17.22
N GLN C 27 19.38 44.78 -17.52
CA GLN C 27 19.28 45.86 -16.55
C GLN C 27 17.83 46.18 -16.22
N GLU C 28 16.97 46.21 -17.24
CA GLU C 28 15.55 46.47 -16.99
C GLU C 28 14.95 45.39 -16.10
N ALA C 29 15.29 44.13 -16.37
CA ALA C 29 14.79 43.02 -15.55
C ALA C 29 15.26 43.15 -14.11
N GLU C 30 16.53 43.53 -13.91
CA GLU C 30 17.05 43.68 -12.55
C GLU C 30 16.38 44.84 -11.83
N GLN C 31 16.23 45.98 -12.50
CA GLN C 31 15.64 47.14 -11.86
C GLN C 31 14.17 46.90 -11.52
N LEU C 32 13.45 46.18 -12.38
CA LEU C 32 12.05 45.90 -12.09
C LEU C 32 11.92 44.97 -10.88
N LYS C 33 12.80 43.98 -10.76
CA LYS C 33 12.80 43.14 -9.57
C LYS C 33 13.11 43.96 -8.32
N ASN C 34 14.08 44.87 -8.42
CA ASN C 34 14.40 45.73 -7.27
C ASN C 34 13.22 46.60 -6.89
N GLN C 35 12.51 47.14 -7.89
CA GLN C 35 11.34 47.97 -7.61
C GLN C 35 10.23 47.15 -6.96
N ILE C 36 10.03 45.91 -7.41
CA ILE C 36 9.02 45.04 -6.79
C ILE C 36 9.40 44.76 -5.34
N ARG C 37 10.68 44.49 -5.09
CA ARG C 37 11.14 44.24 -3.73
C ARG C 37 10.87 45.45 -2.85
N ASP C 38 11.19 46.65 -3.35
CA ASP C 38 10.97 47.87 -2.58
C ASP C 38 9.48 48.11 -2.34
N ALA C 39 8.63 47.80 -3.33
CA ALA C 39 7.20 48.00 -3.16
C ALA C 39 6.63 47.07 -2.10
N ARG C 40 6.99 45.78 -2.19
CA ARG C 40 6.52 44.80 -1.19
C ARG C 40 7.01 45.27 0.20
N LYS C 41 8.26 45.72 0.28
CA LYS C 41 8.80 46.18 1.55
C LYS C 41 8.02 47.39 2.07
N ALA C 42 7.58 48.26 1.17
CA ALA C 42 6.77 49.41 1.58
C ALA C 42 5.43 48.95 2.13
N CYS C 43 4.83 47.92 1.53
CA CYS C 43 3.53 47.45 1.99
C CYS C 43 3.63 46.83 3.38
N ALA C 44 4.81 46.34 3.77
CA ALA C 44 4.99 45.71 5.07
C ALA C 44 5.19 46.78 6.13
N ASP C 45 4.30 46.78 7.13
CA ASP C 45 4.38 47.69 8.27
C ASP C 45 4.39 46.95 9.61
N ALA C 46 3.56 45.92 9.74
CA ALA C 46 3.51 45.08 10.93
C ALA C 46 3.45 43.63 10.49
N THR C 47 4.02 42.73 11.30
CA THR C 47 4.06 41.32 10.94
C THR C 47 2.82 40.60 11.47
N LEU C 48 2.49 39.49 10.80
CA LEU C 48 1.35 38.69 11.24
C LEU C 48 1.58 38.12 12.64
N SER C 49 2.83 37.77 12.95
CA SER C 49 3.15 37.31 14.29
C SER C 49 2.93 38.42 15.32
N GLN C 50 3.33 39.65 14.97
CA GLN C 50 3.10 40.78 15.88
C GLN C 50 1.62 41.02 16.11
N ILE C 51 0.83 40.95 15.04
CA ILE C 51 -0.60 41.26 15.15
C ILE C 51 -1.33 40.15 15.90
N THR C 52 -0.90 38.90 15.72
CA THR C 52 -1.60 37.78 16.35
C THR C 52 -1.05 37.47 17.75
N ASN C 53 -0.20 38.34 18.28
CA ASN C 53 0.46 38.05 19.56
C ASN C 53 -0.55 37.95 20.69
N ASN C 54 -1.51 38.89 20.75
CA ASN C 54 -2.50 38.93 21.83
C ASN C 54 -3.76 38.17 21.42
N ILE C 55 -3.56 36.90 21.09
CA ILE C 55 -4.64 35.98 20.76
C ILE C 55 -4.36 34.68 21.50
N ASP C 56 -5.43 34.03 21.96
CA ASP C 56 -5.26 32.82 22.75
C ASP C 56 -4.71 31.70 21.87
N PRO C 57 -3.74 30.92 22.37
CA PRO C 57 -3.24 29.79 21.56
C PRO C 57 -4.28 28.70 21.43
N VAL C 58 -4.13 27.90 20.36
CA VAL C 58 -5.09 26.83 20.09
C VAL C 58 -5.04 25.77 21.18
N GLY C 59 -3.86 25.55 21.75
CA GLY C 59 -3.67 24.51 22.74
C GLY C 59 -3.21 23.21 22.11
N ARG C 60 -2.92 22.24 22.97
CA ARG C 60 -2.44 20.95 22.49
C ARG C 60 -3.52 20.25 21.69
N ILE C 61 -3.18 19.88 20.45
CA ILE C 61 -4.10 19.19 19.54
C ILE C 61 -3.72 17.72 19.56
N GLN C 62 -4.64 16.88 20.04
CA GLN C 62 -4.44 15.45 20.16
C GLN C 62 -5.40 14.74 19.21
N MET C 63 -4.84 14.12 18.17
CA MET C 63 -5.60 13.37 17.17
C MET C 63 -5.16 11.92 17.19
N ARG C 64 -6.15 11.02 17.09
CA ARG C 64 -5.92 9.59 17.07
C ARG C 64 -6.34 9.06 15.71
N THR C 65 -5.87 7.85 15.39
CA THR C 65 -6.11 7.26 14.08
C THR C 65 -7.39 6.45 14.16
N ARG C 66 -8.49 7.03 13.69
CA ARG C 66 -9.79 6.38 13.80
C ARG C 66 -9.87 5.13 12.93
N ARG C 67 -9.28 5.17 11.73
CA ARG C 67 -9.32 4.04 10.81
C ARG C 67 -7.99 3.90 10.11
N THR C 68 -7.66 2.66 9.74
CA THR C 68 -6.50 2.33 8.94
C THR C 68 -6.97 1.52 7.75
N LEU C 69 -6.58 1.93 6.55
CA LEU C 69 -7.03 1.34 5.31
C LEU C 69 -5.94 0.44 4.75
N ARG C 70 -6.27 -0.82 4.51
CA ARG C 70 -5.32 -1.84 4.11
C ARG C 70 -5.80 -2.50 2.82
N GLY C 71 -4.85 -2.85 1.97
CA GLY C 71 -5.13 -3.41 0.65
C GLY C 71 -4.15 -3.00 -0.41
N HIS C 72 -3.41 -1.92 -0.21
CA HIS C 72 -2.32 -1.54 -1.10
C HIS C 72 -1.08 -2.31 -0.68
N LEU C 73 -0.48 -3.03 -1.63
CA LEU C 73 0.66 -3.89 -1.37
C LEU C 73 2.00 -3.23 -1.67
N ALA C 74 2.02 -1.91 -1.89
CA ALA C 74 3.25 -1.19 -2.16
C ALA C 74 3.11 0.23 -1.66
N LYS C 75 4.06 1.07 -2.05
CA LYS C 75 4.11 2.45 -1.58
C LYS C 75 2.93 3.24 -2.15
N ILE C 76 2.39 4.15 -1.33
CA ILE C 76 1.30 5.03 -1.73
C ILE C 76 1.88 6.41 -2.02
N TYR C 77 1.46 7.00 -3.14
CA TYR C 77 2.01 8.28 -3.57
C TYR C 77 1.02 9.42 -3.42
N ALA C 78 -0.27 9.15 -3.65
CA ALA C 78 -1.28 10.20 -3.74
C ALA C 78 -2.61 9.72 -3.17
N MET C 79 -3.32 10.64 -2.52
CA MET C 79 -4.70 10.44 -2.08
C MET C 79 -5.47 11.73 -2.33
N HIS C 80 -6.78 11.60 -2.56
CA HIS C 80 -7.66 12.75 -2.71
C HIS C 80 -9.05 12.40 -2.20
N TRP C 81 -9.58 13.25 -1.32
CA TRP C 81 -10.92 13.07 -0.80
C TRP C 81 -11.96 13.45 -1.86
N GLY C 82 -13.04 12.68 -1.92
CA GLY C 82 -14.19 13.09 -2.69
C GLY C 82 -14.98 14.19 -1.98
N THR C 83 -15.90 14.80 -2.72
CA THR C 83 -16.62 15.96 -2.20
C THR C 83 -17.62 15.56 -1.11
N ASP C 84 -18.05 14.29 -1.10
CA ASP C 84 -18.98 13.84 -0.07
C ASP C 84 -18.29 13.68 1.29
N SER C 85 -16.95 13.76 1.31
CA SER C 85 -16.16 13.61 2.52
C SER C 85 -16.24 12.20 3.10
N ARG C 86 -16.59 11.22 2.27
CA ARG C 86 -16.62 9.82 2.66
C ARG C 86 -15.88 8.90 1.70
N LEU C 87 -15.85 9.23 0.42
CA LEU C 87 -15.11 8.46 -0.58
C LEU C 87 -13.76 9.12 -0.82
N LEU C 88 -12.73 8.31 -0.99
CA LEU C 88 -11.40 8.80 -1.31
C LEU C 88 -10.73 7.79 -2.23
N VAL C 89 -9.86 8.29 -3.09
CA VAL C 89 -9.12 7.48 -4.06
C VAL C 89 -7.65 7.60 -3.70
N SER C 90 -6.91 6.49 -3.83
CA SER C 90 -5.49 6.45 -3.54
C SER C 90 -4.75 5.71 -4.65
N ALA C 91 -3.54 6.18 -4.93
CA ALA C 91 -2.69 5.62 -5.99
C ALA C 91 -1.42 5.07 -5.37
N SER C 92 -0.97 3.91 -5.86
CA SER C 92 0.14 3.19 -5.26
C SER C 92 1.09 2.65 -6.33
N GLN C 93 2.29 2.29 -5.86
CA GLN C 93 3.31 1.70 -6.72
C GLN C 93 2.92 0.31 -7.22
N ASP C 94 1.94 -0.34 -6.57
CA ASP C 94 1.48 -1.64 -7.04
C ASP C 94 0.73 -1.56 -8.35
N GLY C 95 0.41 -0.36 -8.84
CA GLY C 95 -0.28 -0.20 -10.10
C GLY C 95 -1.79 -0.23 -10.01
N LYS C 96 -2.35 0.09 -8.84
CA LYS C 96 -3.77 0.02 -8.60
C LYS C 96 -4.29 1.36 -8.10
N LEU C 97 -5.42 1.78 -8.64
CA LEU C 97 -6.22 2.87 -8.08
C LEU C 97 -7.38 2.25 -7.33
N ILE C 98 -7.49 2.56 -6.03
CA ILE C 98 -8.53 2.01 -5.17
C ILE C 98 -9.34 3.16 -4.60
N ILE C 99 -10.67 3.06 -4.70
CA ILE C 99 -11.59 3.96 -4.04
C ILE C 99 -12.08 3.30 -2.76
N TRP C 100 -11.98 4.02 -1.65
CA TRP C 100 -12.31 3.51 -0.34
C TRP C 100 -13.61 4.12 0.17
N ASP C 101 -14.29 3.37 1.02
CA ASP C 101 -15.35 3.90 1.88
C ASP C 101 -14.74 4.16 3.25
N SER C 102 -14.54 5.43 3.59
CA SER C 102 -13.81 5.76 4.81
C SER C 102 -14.61 5.41 6.06
N TYR C 103 -15.94 5.42 5.96
CA TYR C 103 -16.76 5.16 7.15
C TYR C 103 -16.74 3.69 7.52
N THR C 104 -16.86 2.80 6.54
CA THR C 104 -16.92 1.37 6.77
C THR C 104 -15.64 0.63 6.42
N THR C 105 -14.65 1.29 5.83
CA THR C 105 -13.37 0.74 5.38
C THR C 105 -13.54 -0.09 4.10
N ASN C 106 -14.75 -0.20 3.55
CA ASN C 106 -14.97 -1.03 2.37
C ASN C 106 -14.26 -0.44 1.15
N LYS C 107 -13.87 -1.33 0.24
CA LYS C 107 -13.30 -0.94 -1.04
C LYS C 107 -14.43 -0.93 -2.07
N VAL C 108 -14.63 0.23 -2.70
CA VAL C 108 -15.69 0.34 -3.70
C VAL C 108 -15.20 -0.17 -5.05
N HIS C 109 -14.06 0.31 -5.51
CA HIS C 109 -13.51 -0.07 -6.80
C HIS C 109 -12.00 -0.29 -6.67
N ALA C 110 -11.48 -1.16 -7.52
CA ALA C 110 -10.05 -1.34 -7.71
C ALA C 110 -9.76 -1.29 -9.20
N ILE C 111 -9.02 -0.28 -9.63
CA ILE C 111 -8.82 0.04 -11.04
C ILE C 111 -7.40 -0.38 -11.42
N PRO C 112 -7.21 -1.34 -12.33
CA PRO C 112 -5.85 -1.62 -12.80
C PRO C 112 -5.35 -0.53 -13.73
N LEU C 113 -4.08 -0.16 -13.54
CA LEU C 113 -3.44 0.92 -14.28
C LEU C 113 -2.52 0.34 -15.33
N ARG C 114 -2.53 0.96 -16.52
CA ARG C 114 -1.65 0.50 -17.59
C ARG C 114 -0.18 0.67 -17.20
N SER C 115 0.15 1.78 -16.56
CA SER C 115 1.50 2.07 -16.07
C SER C 115 1.50 1.97 -14.55
N SER C 116 2.47 1.22 -14.01
CA SER C 116 2.56 1.09 -12.55
C SER C 116 3.12 2.36 -11.90
N TRP C 117 3.71 3.25 -12.69
CA TRP C 117 4.36 4.44 -12.16
C TRP C 117 3.35 5.59 -12.10
N VAL C 118 2.86 5.86 -10.89
CA VAL C 118 1.84 6.88 -10.65
C VAL C 118 2.42 7.87 -9.64
N MET C 119 2.13 9.15 -9.85
CA MET C 119 2.57 10.20 -8.95
C MET C 119 1.46 11.12 -8.47
N THR C 120 0.27 11.02 -9.05
CA THR C 120 -0.87 11.84 -8.61
C THR C 120 -2.16 11.15 -8.98
N CYS C 121 -3.18 11.38 -8.14
CA CYS C 121 -4.54 10.97 -8.42
C CYS C 121 -5.47 12.11 -8.03
N ALA C 122 -6.66 12.12 -8.61
CA ALA C 122 -7.64 13.16 -8.35
C ALA C 122 -9.05 12.58 -8.42
N TYR C 123 -9.96 13.25 -7.70
CA TYR C 123 -11.39 12.80 -7.67
C TYR C 123 -12.25 13.97 -8.14
N ALA C 124 -13.05 13.74 -9.19
CA ALA C 124 -13.91 14.78 -9.75
C ALA C 124 -14.88 15.29 -8.68
N PRO C 125 -15.19 16.59 -8.64
CA PRO C 125 -16.16 17.06 -7.62
C PRO C 125 -17.54 16.44 -7.76
N SER C 126 -17.92 16.01 -8.97
CA SER C 126 -19.20 15.34 -9.12
C SER C 126 -19.17 13.93 -8.53
N GLY C 127 -18.00 13.28 -8.56
CA GLY C 127 -17.86 11.92 -8.13
C GLY C 127 -17.93 10.88 -9.24
N ASN C 128 -18.19 11.30 -10.48
CA ASN C 128 -18.31 10.37 -11.58
C ASN C 128 -16.99 10.05 -12.26
N TYR C 129 -15.90 10.72 -11.90
CA TYR C 129 -14.62 10.51 -12.55
C TYR C 129 -13.49 10.60 -11.53
N VAL C 130 -12.41 9.87 -11.81
CA VAL C 130 -11.14 10.04 -11.12
C VAL C 130 -10.06 10.13 -12.20
N ALA C 131 -8.97 10.82 -11.87
CA ALA C 131 -7.85 11.01 -12.78
C ALA C 131 -6.58 10.47 -12.15
N CYS C 132 -5.68 9.97 -12.99
CA CYS C 132 -4.40 9.40 -12.51
C CYS C 132 -3.28 9.87 -13.45
N GLY C 133 -2.08 10.10 -12.92
CA GLY C 133 -0.96 10.58 -13.70
C GLY C 133 0.37 10.18 -13.10
N GLY C 134 1.38 10.02 -13.95
CA GLY C 134 2.69 9.61 -13.50
C GLY C 134 3.74 9.75 -14.58
N LEU C 135 4.69 8.81 -14.55
CA LEU C 135 5.86 8.89 -15.42
C LEU C 135 5.54 8.60 -16.89
N ASP C 136 4.33 8.13 -17.19
CA ASP C 136 3.96 7.89 -18.58
C ASP C 136 3.60 9.19 -19.31
N ASN C 137 3.65 10.33 -18.61
CA ASN C 137 3.42 11.64 -19.19
C ASN C 137 1.99 11.79 -19.73
N ILE C 138 1.06 11.01 -19.20
CA ILE C 138 -0.34 11.03 -19.63
C ILE C 138 -1.22 11.19 -18.41
N CYS C 139 -2.17 12.13 -18.48
CA CYS C 139 -3.25 12.19 -17.50
C CYS C 139 -4.43 11.37 -17.99
N SER C 140 -4.70 10.26 -17.32
CA SER C 140 -5.76 9.34 -17.69
C SER C 140 -6.98 9.63 -16.83
N ILE C 141 -8.15 9.70 -17.46
CA ILE C 141 -9.42 9.99 -16.80
C ILE C 141 -10.26 8.72 -16.87
N TYR C 142 -10.83 8.34 -15.72
CA TYR C 142 -11.57 7.09 -15.57
C TYR C 142 -13.03 7.38 -15.30
N ASN C 143 -13.92 6.68 -16.00
CA ASN C 143 -15.36 6.81 -15.80
C ASN C 143 -15.80 5.82 -14.73
N LEU C 144 -16.12 6.33 -13.54
CA LEU C 144 -16.53 5.46 -12.45
C LEU C 144 -17.95 4.95 -12.66
N LYS C 145 -18.88 5.83 -13.01
CA LYS C 145 -20.29 5.50 -13.13
C LYS C 145 -20.63 5.31 -14.60
N THR C 146 -20.84 4.07 -14.99
CA THR C 146 -21.14 3.72 -16.37
C THR C 146 -21.94 2.42 -16.38
N ARG C 147 -22.81 2.28 -17.38
CA ARG C 147 -23.43 0.99 -17.61
C ARG C 147 -22.35 -0.04 -17.94
N GLU C 148 -22.71 -1.30 -17.84
CA GLU C 148 -21.83 -2.48 -17.79
C GLU C 148 -21.08 -2.59 -16.46
N GLY C 149 -21.21 -1.64 -15.54
CA GLY C 149 -20.79 -1.84 -14.17
C GLY C 149 -19.32 -2.11 -13.94
N ASN C 150 -18.45 -1.36 -14.60
CA ASN C 150 -17.01 -1.44 -14.37
C ASN C 150 -16.39 -0.09 -14.68
N VAL C 151 -15.20 0.15 -14.11
CA VAL C 151 -14.47 1.37 -14.39
C VAL C 151 -13.68 1.21 -15.69
N ARG C 152 -13.72 2.24 -16.53
CA ARG C 152 -13.02 2.25 -17.80
C ARG C 152 -12.36 3.60 -18.01
N VAL C 153 -11.32 3.62 -18.84
CA VAL C 153 -10.65 4.84 -19.23
C VAL C 153 -11.56 5.54 -20.24
N SER C 154 -12.11 6.69 -19.85
CA SER C 154 -12.92 7.46 -20.79
C SER C 154 -12.04 8.27 -21.74
N ARG C 155 -10.90 8.76 -21.21
CA ARG C 155 -10.04 9.66 -22.02
C ARG C 155 -8.58 9.66 -21.54
N GLU C 156 -7.63 9.45 -22.46
CA GLU C 156 -6.20 9.54 -22.17
C GLU C 156 -5.68 10.85 -22.76
N LEU C 157 -5.19 11.73 -21.89
CA LEU C 157 -4.77 13.08 -22.28
C LEU C 157 -3.27 13.11 -22.52
N ALA C 158 -2.89 13.22 -23.78
CA ALA C 158 -1.50 13.29 -24.20
C ALA C 158 -1.17 14.72 -24.65
N GLY C 159 0.10 15.10 -24.49
CA GLY C 159 0.57 16.43 -24.83
C GLY C 159 1.64 16.97 -23.92
N HIS C 160 1.96 16.31 -22.81
CA HIS C 160 2.99 16.75 -21.89
C HIS C 160 4.29 16.02 -22.20
N THR C 161 5.40 16.75 -22.17
CA THR C 161 6.72 16.16 -22.41
C THR C 161 7.42 15.77 -21.12
N GLY C 162 6.73 15.83 -19.97
CA GLY C 162 7.29 15.40 -18.72
C GLY C 162 6.26 14.64 -17.90
N TYR C 163 6.72 14.09 -16.79
CA TYR C 163 5.85 13.32 -15.91
C TYR C 163 4.77 14.23 -15.30
N LEU C 164 3.57 13.69 -15.17
CA LEU C 164 2.45 14.39 -14.53
C LEU C 164 2.70 14.40 -13.02
N SER C 165 2.73 15.61 -12.45
CA SER C 165 3.04 15.75 -11.02
C SER C 165 1.76 15.96 -10.20
N CYS C 166 0.78 16.65 -10.75
CA CYS C 166 -0.47 16.91 -10.06
C CYS C 166 -1.56 17.15 -11.09
N CYS C 167 -2.78 16.77 -10.73
CA CYS C 167 -3.97 17.06 -11.53
C CYS C 167 -5.13 17.37 -10.58
N ARG C 168 -5.98 18.30 -10.97
CA ARG C 168 -7.16 18.67 -10.21
C ARG C 168 -8.29 19.03 -11.17
N PHE C 169 -9.40 18.32 -11.05
CA PHE C 169 -10.59 18.59 -11.85
C PHE C 169 -11.14 19.97 -11.50
N LEU C 170 -11.52 20.73 -12.53
CA LEU C 170 -12.36 21.90 -12.32
C LEU C 170 -13.84 21.55 -12.46
N ASP C 171 -14.17 20.83 -13.53
CA ASP C 171 -15.52 20.34 -13.77
C ASP C 171 -15.41 18.90 -14.26
N ASP C 172 -16.53 18.37 -14.73
CA ASP C 172 -16.50 17.06 -15.37
C ASP C 172 -15.75 17.10 -16.69
N ASN C 173 -15.70 18.27 -17.33
CA ASN C 173 -15.10 18.42 -18.66
C ASN C 173 -13.85 19.29 -18.66
N GLN C 174 -13.31 19.64 -17.49
CA GLN C 174 -12.10 20.46 -17.41
C GLN C 174 -11.21 19.95 -16.29
N ILE C 175 -9.93 19.79 -16.59
CA ILE C 175 -8.92 19.38 -15.63
C ILE C 175 -7.65 20.15 -15.91
N VAL C 176 -6.99 20.60 -14.84
CA VAL C 176 -5.72 21.31 -14.90
C VAL C 176 -4.64 20.38 -14.37
N THR C 177 -3.46 20.43 -14.98
CA THR C 177 -2.35 19.55 -14.63
C THR C 177 -1.07 20.35 -14.49
N SER C 178 -0.15 19.79 -13.70
CA SER C 178 1.23 20.22 -13.63
C SER C 178 2.10 19.08 -14.12
N SER C 179 3.32 19.40 -14.52
CA SER C 179 4.18 18.40 -15.14
C SER C 179 5.65 18.73 -14.95
N GLY C 180 6.48 17.73 -15.25
CA GLY C 180 7.92 17.87 -15.14
C GLY C 180 8.57 18.63 -16.27
N ASP C 181 7.74 19.08 -17.24
CA ASP C 181 8.25 19.90 -18.37
C ASP C 181 8.15 21.38 -18.00
N THR C 182 8.06 21.70 -16.70
CA THR C 182 8.06 23.07 -16.20
C THR C 182 6.86 23.85 -16.71
N THR C 183 5.75 23.15 -16.97
CA THR C 183 4.56 23.75 -17.56
C THR C 183 3.32 23.15 -16.90
N CYS C 184 2.26 23.96 -16.84
CA CYS C 184 0.93 23.51 -16.48
C CYS C 184 0.01 23.68 -17.69
N ALA C 185 -1.06 22.90 -17.73
CA ALA C 185 -1.99 22.88 -18.86
C ALA C 185 -3.42 22.82 -18.35
N LEU C 186 -4.33 23.36 -19.16
CA LEU C 186 -5.76 23.19 -18.99
C LEU C 186 -6.29 22.39 -20.16
N TRP C 187 -7.10 21.37 -19.88
CA TRP C 187 -7.58 20.44 -20.89
C TRP C 187 -9.10 20.53 -21.01
N ASP C 188 -9.58 20.29 -22.23
CA ASP C 188 -10.97 19.98 -22.49
C ASP C 188 -11.05 18.47 -22.67
N ILE C 189 -11.67 17.79 -21.71
CA ILE C 189 -11.60 16.32 -21.68
C ILE C 189 -12.31 15.72 -22.88
N GLU C 190 -13.45 16.28 -23.28
CA GLU C 190 -14.18 15.72 -24.42
C GLU C 190 -13.37 15.84 -25.71
N THR C 191 -12.79 17.01 -25.96
CA THR C 191 -11.93 17.17 -27.14
C THR C 191 -10.61 16.44 -26.95
N GLY C 192 -10.03 16.53 -25.76
CA GLY C 192 -8.80 15.83 -25.43
C GLY C 192 -7.51 16.59 -25.70
N GLN C 193 -7.59 17.89 -25.99
CA GLN C 193 -6.43 18.70 -26.32
C GLN C 193 -6.31 19.84 -25.31
N GLN C 194 -5.09 20.30 -25.09
CA GLN C 194 -4.89 21.46 -24.22
C GLN C 194 -5.55 22.69 -24.81
N THR C 195 -6.31 23.41 -23.98
CA THR C 195 -6.90 24.68 -24.36
C THR C 195 -6.10 25.86 -23.82
N THR C 196 -5.27 25.66 -22.80
CA THR C 196 -4.39 26.70 -22.30
C THR C 196 -3.13 26.04 -21.76
N THR C 197 -1.99 26.70 -21.98
CA THR C 197 -0.71 26.27 -21.46
C THR C 197 -0.12 27.40 -20.64
N PHE C 198 0.46 27.04 -19.50
CA PHE C 198 1.01 28.00 -18.54
C PHE C 198 2.52 27.80 -18.47
N THR C 199 3.28 28.79 -18.95
CA THR C 199 4.71 28.67 -19.17
C THR C 199 5.42 29.83 -18.50
N GLY C 200 5.83 29.65 -17.26
CA GLY C 200 6.74 30.58 -16.62
C GLY C 200 7.78 29.95 -15.71
N HIS C 201 7.68 28.65 -15.45
CA HIS C 201 8.49 28.01 -14.42
C HIS C 201 9.81 27.53 -15.03
N THR C 202 10.90 27.66 -14.26
CA THR C 202 12.21 27.22 -14.72
C THR C 202 12.44 25.75 -14.39
N GLY C 203 12.04 25.31 -13.19
CA GLY C 203 12.15 23.93 -12.80
C GLY C 203 10.86 23.15 -12.97
N ASP C 204 10.92 21.86 -12.65
CA ASP C 204 9.73 21.02 -12.72
C ASP C 204 8.66 21.51 -11.75
N VAL C 205 7.41 21.49 -12.20
CA VAL C 205 6.28 21.86 -11.37
C VAL C 205 5.87 20.63 -10.57
N MET C 206 5.87 20.78 -9.24
CA MET C 206 5.64 19.63 -8.35
C MET C 206 4.21 19.57 -7.87
N SER C 207 3.61 20.71 -7.54
CA SER C 207 2.35 20.77 -6.83
C SER C 207 1.44 21.81 -7.47
N LEU C 208 0.14 21.66 -7.21
CA LEU C 208 -0.88 22.51 -7.79
C LEU C 208 -2.09 22.55 -6.86
N SER C 209 -2.70 23.73 -6.72
CA SER C 209 -3.87 23.92 -5.87
C SER C 209 -4.82 24.90 -6.53
N LEU C 210 -6.07 24.48 -6.72
CA LEU C 210 -7.08 25.36 -7.28
C LEU C 210 -7.67 26.25 -6.18
N ALA C 211 -8.01 27.48 -6.55
CA ALA C 211 -8.68 28.37 -5.62
C ALA C 211 -10.11 27.88 -5.39
N PRO C 212 -10.73 28.27 -4.27
CA PRO C 212 -12.15 27.88 -4.07
C PRO C 212 -13.07 28.41 -5.16
N ASP C 213 -12.79 29.61 -5.69
CA ASP C 213 -13.65 30.16 -6.73
C ASP C 213 -13.34 29.56 -8.10
N THR C 214 -12.21 28.85 -8.23
CA THR C 214 -11.74 28.11 -9.42
C THR C 214 -11.22 29.07 -10.50
N ARG C 215 -11.37 30.39 -10.33
CA ARG C 215 -10.88 31.33 -11.34
C ARG C 215 -9.36 31.38 -11.39
N LEU C 216 -8.70 31.07 -10.26
CA LEU C 216 -7.25 31.15 -10.15
C LEU C 216 -6.72 29.88 -9.49
N PHE C 217 -5.42 29.65 -9.65
CA PHE C 217 -4.75 28.52 -9.01
C PHE C 217 -3.28 28.86 -8.81
N VAL C 218 -2.64 28.10 -7.92
CA VAL C 218 -1.23 28.27 -7.59
C VAL C 218 -0.49 26.98 -7.90
N SER C 219 0.81 27.09 -8.11
CA SER C 219 1.67 25.94 -8.35
C SER C 219 3.08 26.24 -7.86
N GLY C 220 3.71 25.23 -7.29
CA GLY C 220 5.08 25.34 -6.84
C GLY C 220 5.97 24.41 -7.66
N ALA C 221 7.19 24.88 -7.89
CA ALA C 221 8.10 24.22 -8.82
C ALA C 221 9.47 24.03 -8.18
N CYS C 222 10.34 23.35 -8.94
CA CYS C 222 11.69 23.06 -8.46
C CYS C 222 12.59 24.28 -8.50
N ASP C 223 12.14 25.38 -9.11
CA ASP C 223 12.90 26.64 -9.04
C ASP C 223 12.69 27.37 -7.72
N ALA C 224 12.01 26.76 -6.74
CA ALA C 224 11.81 27.34 -5.42
C ALA C 224 10.94 28.59 -5.48
N SER C 225 10.00 28.62 -6.42
CA SER C 225 9.08 29.73 -6.57
C SER C 225 7.66 29.21 -6.75
N ALA C 226 6.70 30.02 -6.30
CA ALA C 226 5.28 29.76 -6.47
C ALA C 226 4.70 30.83 -7.38
N LYS C 227 3.79 30.43 -8.26
CA LYS C 227 3.20 31.32 -9.26
C LYS C 227 1.68 31.26 -9.17
N LEU C 228 1.06 32.42 -9.27
CA LEU C 228 -0.39 32.56 -9.31
C LEU C 228 -0.83 32.69 -10.76
N TRP C 229 -1.76 31.85 -11.16
CA TRP C 229 -2.17 31.72 -12.56
C TRP C 229 -3.64 32.07 -12.72
N ASP C 230 -3.94 32.82 -13.77
CA ASP C 230 -5.31 33.14 -14.15
C ASP C 230 -5.79 32.06 -15.12
N VAL C 231 -6.82 31.34 -14.72
CA VAL C 231 -7.30 30.20 -15.51
C VAL C 231 -7.85 30.68 -16.85
N ARG C 232 -8.47 31.86 -16.87
CA ARG C 232 -9.11 32.34 -18.09
C ARG C 232 -8.10 33.10 -18.96
N GLU C 233 -7.36 34.04 -18.34
CA GLU C 233 -6.39 34.86 -19.11
C GLU C 233 -5.20 34.00 -19.54
N GLY C 234 -4.79 33.04 -18.70
CA GLY C 234 -3.65 32.20 -19.03
C GLY C 234 -2.30 32.81 -18.72
N MET C 235 -2.25 33.76 -17.79
CA MET C 235 -1.04 34.52 -17.47
C MET C 235 -0.66 34.33 -16.01
N CYS C 236 0.60 34.63 -15.70
CA CYS C 236 1.10 34.58 -14.33
C CYS C 236 0.85 35.94 -13.68
N ARG C 237 -0.11 36.00 -12.76
CA ARG C 237 -0.43 37.26 -12.12
C ARG C 237 0.63 37.65 -11.09
N GLN C 238 1.12 36.70 -10.30
CA GLN C 238 2.08 36.98 -9.24
C GLN C 238 3.06 35.82 -9.13
N THR C 239 4.26 36.13 -8.61
CA THR C 239 5.29 35.15 -8.34
C THR C 239 5.81 35.37 -6.92
N PHE C 240 6.01 34.28 -6.18
CA PHE C 240 6.40 34.32 -4.78
C PHE C 240 7.66 33.49 -4.60
N THR C 241 8.64 34.04 -3.89
CA THR C 241 9.95 33.39 -3.71
C THR C 241 10.46 33.67 -2.31
N GLY C 242 10.30 32.70 -1.41
CA GLY C 242 10.96 32.73 -0.12
C GLY C 242 11.72 31.46 0.18
N HIS C 243 11.29 30.34 -0.40
CA HIS C 243 11.90 29.05 -0.10
C HIS C 243 13.29 28.97 -0.73
N GLU C 244 14.19 28.27 -0.04
CA GLU C 244 15.56 28.11 -0.54
C GLU C 244 15.67 26.95 -1.52
N SER C 245 14.77 25.98 -1.37
CA SER C 245 14.83 24.77 -2.22
C SER C 245 13.48 24.54 -2.90
N ASP C 246 13.28 23.35 -3.48
CA ASP C 246 12.10 23.07 -4.27
C ASP C 246 10.84 22.99 -3.41
N ILE C 247 9.72 23.41 -3.99
CA ILE C 247 8.42 23.37 -3.32
C ILE C 247 7.73 22.08 -3.74
N ASN C 248 7.55 21.16 -2.80
CA ASN C 248 6.94 19.87 -3.10
C ASN C 248 5.41 19.93 -3.01
N ALA C 249 4.88 20.84 -2.20
CA ALA C 249 3.46 20.88 -1.87
C ALA C 249 2.97 22.31 -1.80
N ILE C 250 1.68 22.50 -2.11
CA ILE C 250 1.06 23.82 -2.11
C ILE C 250 -0.43 23.64 -1.78
N CYS C 251 -0.97 24.53 -0.96
CA CYS C 251 -2.37 24.50 -0.57
C CYS C 251 -2.93 25.92 -0.44
N PHE C 252 -4.18 26.09 -0.88
CA PHE C 252 -4.82 27.42 -0.83
C PHE C 252 -5.61 27.58 0.46
N PHE C 253 -5.47 28.71 1.14
CA PHE C 253 -6.22 29.00 2.35
C PHE C 253 -7.71 28.89 2.03
N PRO C 254 -8.55 28.52 3.01
CA PRO C 254 -10.00 28.42 2.71
C PRO C 254 -10.62 29.72 2.24
N ASN C 255 -10.05 30.86 2.61
CA ASN C 255 -10.53 32.15 2.12
C ASN C 255 -10.30 32.30 0.62
N GLY C 256 -9.21 31.71 0.11
CA GLY C 256 -8.81 31.91 -1.26
C GLY C 256 -7.91 33.11 -1.49
N ASN C 257 -7.58 33.88 -0.45
CA ASN C 257 -6.69 35.02 -0.53
C ASN C 257 -5.29 34.73 -0.02
N ALA C 258 -4.97 33.46 0.23
CA ALA C 258 -3.64 33.09 0.73
C ALA C 258 -3.40 31.63 0.38
N PHE C 259 -2.14 31.22 0.51
CA PHE C 259 -1.75 29.84 0.27
C PHE C 259 -0.50 29.53 1.08
N ALA C 260 -0.25 28.24 1.29
CA ALA C 260 0.92 27.74 1.99
C ALA C 260 1.67 26.77 1.11
N THR C 261 3.00 26.78 1.23
CA THR C 261 3.90 25.95 0.44
C THR C 261 4.79 25.11 1.34
N GLY C 262 5.14 23.91 0.87
CA GLY C 262 6.05 23.03 1.56
C GLY C 262 7.23 22.63 0.70
N SER C 263 8.42 22.58 1.28
CA SER C 263 9.66 22.38 0.55
C SER C 263 10.57 21.41 1.28
N ASP C 264 11.56 20.89 0.56
CA ASP C 264 12.63 20.12 1.22
C ASP C 264 13.67 21.02 1.86
N ASP C 265 13.37 22.32 1.97
CA ASP C 265 14.25 23.24 2.76
C ASP C 265 13.83 23.03 4.21
N ALA C 266 12.75 22.27 4.44
CA ALA C 266 12.18 21.87 5.74
C ALA C 266 11.37 22.99 6.36
N THR C 267 11.17 24.11 5.67
CA THR C 267 10.26 25.15 6.12
C THR C 267 8.90 24.99 5.46
N CYS C 268 7.89 25.60 6.09
CA CYS C 268 6.60 25.87 5.47
C CYS C 268 6.37 27.36 5.56
N ARG C 269 5.92 27.96 4.46
CA ARG C 269 5.72 29.41 4.38
C ARG C 269 4.31 29.72 3.91
N LEU C 270 3.74 30.77 4.47
CA LEU C 270 2.42 31.26 4.11
C LEU C 270 2.57 32.56 3.35
N PHE C 271 1.91 32.65 2.19
CA PHE C 271 1.97 33.81 1.32
C PHE C 271 0.58 34.39 1.14
N ASP C 272 0.51 35.70 0.98
CA ASP C 272 -0.73 36.42 0.77
C ASP C 272 -0.83 36.92 -0.66
N LEU C 273 -1.99 36.74 -1.28
CA LEU C 273 -2.18 37.22 -2.64
C LEU C 273 -2.24 38.74 -2.70
N ARG C 274 -3.01 39.36 -1.81
CA ARG C 274 -3.23 40.80 -1.90
C ARG C 274 -2.02 41.59 -1.42
N ALA C 275 -1.37 41.15 -0.34
CA ALA C 275 -0.17 41.83 0.13
C ALA C 275 1.04 41.49 -0.74
N ASP C 276 0.98 40.37 -1.47
CA ASP C 276 1.99 39.96 -2.43
C ASP C 276 3.31 39.56 -1.77
N GLN C 277 3.28 38.97 -0.58
CA GLN C 277 4.51 38.60 0.11
C GLN C 277 4.23 37.51 1.12
N GLU C 278 5.31 36.91 1.62
CA GLU C 278 5.23 35.97 2.72
C GLU C 278 4.68 36.67 3.97
N LEU C 279 3.86 35.95 4.72
CA LEU C 279 3.37 36.42 6.01
C LEU C 279 4.00 35.71 7.19
N MET C 280 4.31 34.42 7.07
CA MET C 280 4.94 33.70 8.16
C MET C 280 5.64 32.45 7.63
N THR C 281 6.61 31.97 8.41
CA THR C 281 7.33 30.74 8.14
C THR C 281 7.17 29.81 9.33
N TYR C 282 6.94 28.53 9.05
CA TYR C 282 6.69 27.50 10.07
C TYR C 282 7.91 26.59 10.10
N SER C 283 8.82 26.88 11.03
CA SER C 283 10.10 26.18 11.10
C SER C 283 10.48 25.92 12.55
N HIS C 284 11.24 24.85 12.75
CA HIS C 284 11.82 24.50 14.04
C HIS C 284 13.21 23.94 13.81
N ASP C 285 14.10 24.15 14.79
CA ASP C 285 15.45 23.60 14.68
C ASP C 285 15.44 22.08 14.74
N ASN C 286 14.44 21.51 15.41
CA ASN C 286 14.41 20.06 15.58
C ASN C 286 14.13 19.33 14.27
N ILE C 287 13.49 20.00 13.31
CA ILE C 287 13.03 19.35 12.08
C ILE C 287 13.96 19.75 10.95
N ILE C 288 14.59 18.75 10.32
CA ILE C 288 15.45 18.94 9.16
C ILE C 288 14.92 18.22 7.92
N CYS C 289 13.86 17.43 8.05
CA CYS C 289 13.33 16.69 6.92
C CYS C 289 12.50 17.59 6.02
N GLY C 290 12.25 17.13 4.80
CA GLY C 290 11.46 17.90 3.87
C GLY C 290 9.98 17.68 4.05
N ILE C 291 9.20 18.66 3.57
CA ILE C 291 7.74 18.62 3.62
C ILE C 291 7.26 17.97 2.32
N THR C 292 6.48 16.91 2.44
CA THR C 292 5.97 16.21 1.26
C THR C 292 4.58 16.70 0.88
N SER C 293 3.78 17.11 1.87
CA SER C 293 2.40 17.53 1.64
C SER C 293 2.01 18.56 2.69
N VAL C 294 1.04 19.41 2.33
CA VAL C 294 0.47 20.37 3.27
C VAL C 294 -1.04 20.42 3.05
N SER C 295 -1.75 20.83 4.10
CA SER C 295 -3.20 20.98 4.03
C SER C 295 -3.66 21.89 5.16
N PHE C 296 -4.81 22.52 4.95
CA PHE C 296 -5.43 23.42 5.93
C PHE C 296 -6.67 22.76 6.51
N SER C 297 -6.98 23.12 7.75
CA SER C 297 -8.28 22.77 8.32
C SER C 297 -9.35 23.72 7.77
N LYS C 298 -10.61 23.41 8.12
CA LYS C 298 -11.74 24.15 7.54
C LYS C 298 -11.67 25.63 7.88
N SER C 299 -11.35 25.96 9.13
CA SER C 299 -11.19 27.36 9.51
C SER C 299 -9.92 27.95 8.92
N GLY C 300 -8.92 27.11 8.66
CA GLY C 300 -7.59 27.57 8.30
C GLY C 300 -6.69 27.90 9.47
N ARG C 301 -7.15 27.69 10.70
CA ARG C 301 -6.31 27.96 11.86
C ARG C 301 -5.18 26.93 11.97
N LEU C 302 -5.44 25.70 11.54
CA LEU C 302 -4.46 24.62 11.61
C LEU C 302 -3.90 24.35 10.21
N LEU C 303 -2.58 24.26 10.14
CA LEU C 303 -1.86 23.91 8.92
C LEU C 303 -1.11 22.61 9.16
N LEU C 304 -1.57 21.53 8.53
CA LEU C 304 -0.99 20.20 8.70
C LEU C 304 -0.01 19.93 7.57
N ALA C 305 1.18 19.46 7.92
CA ALA C 305 2.25 19.20 6.97
C ALA C 305 2.81 17.80 7.20
N GLY C 306 2.87 17.01 6.13
CA GLY C 306 3.57 15.74 6.19
C GLY C 306 5.05 15.90 5.89
N TYR C 307 5.85 15.06 6.56
CA TYR C 307 7.31 15.18 6.52
C TYR C 307 7.93 13.85 6.12
N ASP C 308 9.20 13.93 5.73
CA ASP C 308 9.98 12.72 5.41
C ASP C 308 10.42 11.97 6.65
N ASP C 309 10.26 12.56 7.85
CA ASP C 309 10.59 11.86 9.08
C ASP C 309 9.46 10.98 9.60
N PHE C 310 8.53 10.58 8.72
CA PHE C 310 7.50 9.58 9.00
C PHE C 310 6.39 10.13 9.87
N ASN C 311 6.39 11.44 10.14
CA ASN C 311 5.41 12.08 11.01
C ASN C 311 4.80 13.28 10.29
N CYS C 312 3.63 13.70 10.78
CA CYS C 312 2.97 14.91 10.34
C CYS C 312 2.86 15.87 11.52
N ASN C 313 3.13 17.15 11.27
CA ASN C 313 3.09 18.18 12.30
C ASN C 313 1.86 19.05 12.11
N VAL C 314 1.19 19.37 13.23
CA VAL C 314 0.08 20.29 13.25
C VAL C 314 0.61 21.65 13.69
N TRP C 315 0.41 22.66 12.85
CA TRP C 315 0.90 24.01 13.09
C TRP C 315 -0.26 24.94 13.37
N ASP C 316 -0.05 25.86 14.30
CA ASP C 316 -0.98 26.97 14.48
C ASP C 316 -0.68 28.01 13.41
N ALA C 317 -1.57 28.13 12.43
CA ALA C 317 -1.28 28.95 11.26
C ALA C 317 -1.16 30.43 11.63
N LEU C 318 -1.88 30.86 12.68
CA LEU C 318 -1.92 32.28 13.01
C LEU C 318 -0.79 32.69 13.95
N LYS C 319 -0.23 31.74 14.70
CA LYS C 319 0.86 32.00 15.63
C LYS C 319 2.15 31.25 15.29
N ALA C 320 2.10 30.30 14.37
CA ALA C 320 3.28 29.52 13.96
C ALA C 320 3.91 28.80 15.15
N ASP C 321 3.05 28.26 16.02
CA ASP C 321 3.45 27.37 17.10
C ASP C 321 2.91 25.99 16.78
N ARG C 322 3.76 24.98 16.93
CA ARG C 322 3.39 23.61 16.61
C ARG C 322 2.44 23.10 17.69
N ALA C 323 1.16 22.93 17.33
CA ALA C 323 0.16 22.50 18.29
C ALA C 323 0.26 21.00 18.59
N GLY C 324 0.51 20.19 17.57
CA GLY C 324 0.49 18.76 17.76
C GLY C 324 1.20 18.01 16.66
N VAL C 325 1.10 16.68 16.73
CA VAL C 325 1.80 15.77 15.84
C VAL C 325 0.90 14.56 15.58
N LEU C 326 0.94 14.05 14.35
CA LEU C 326 0.35 12.78 13.99
C LEU C 326 1.49 11.80 13.73
N ALA C 327 1.64 10.81 14.62
CA ALA C 327 2.76 9.87 14.58
C ALA C 327 2.20 8.44 14.62
N GLY C 328 1.97 7.86 13.44
CA GLY C 328 1.55 6.48 13.32
C GLY C 328 2.11 5.71 12.14
N HIS C 329 2.95 6.34 11.31
CA HIS C 329 3.37 5.76 10.05
C HIS C 329 4.78 5.20 10.17
N ASP C 330 4.99 3.99 9.62
CA ASP C 330 6.29 3.35 9.69
C ASP C 330 7.25 3.94 8.66
N ASN C 331 6.72 4.47 7.56
CA ASN C 331 7.53 5.08 6.50
C ASN C 331 7.03 6.51 6.27
N ARG C 332 7.64 7.16 5.28
CA ARG C 332 7.36 8.59 5.01
C ARG C 332 5.91 8.84 4.57
N VAL C 333 5.32 9.91 5.10
CA VAL C 333 3.96 10.30 4.70
C VAL C 333 4.07 10.97 3.34
N SER C 334 3.37 10.39 2.35
CA SER C 334 3.43 10.94 1.00
C SER C 334 2.41 12.05 0.81
N CYS C 335 1.17 11.83 1.22
CA CYS C 335 0.05 12.66 0.87
C CYS C 335 -0.75 13.02 2.11
N LEU C 336 -1.41 14.19 2.07
CA LEU C 336 -2.27 14.67 3.14
C LEU C 336 -3.59 15.07 2.51
N GLY C 337 -4.68 14.89 3.26
CA GLY C 337 -5.96 15.40 2.82
C GLY C 337 -6.91 15.67 3.95
N VAL C 338 -7.39 16.90 4.06
CA VAL C 338 -8.42 17.29 5.00
C VAL C 338 -9.75 17.24 4.27
N THR C 339 -10.71 16.52 4.83
CA THR C 339 -11.97 16.29 4.16
C THR C 339 -12.80 17.58 4.12
N ASP C 340 -13.76 17.62 3.19
CA ASP C 340 -14.44 18.89 2.90
C ASP C 340 -15.24 19.40 4.09
N ASP C 341 -15.92 18.51 4.82
CA ASP C 341 -16.69 18.97 5.97
C ASP C 341 -15.80 19.22 7.19
N GLY C 342 -14.51 18.93 7.08
CA GLY C 342 -13.56 19.20 8.13
C GLY C 342 -13.44 18.13 9.19
N MET C 343 -14.21 17.04 9.09
CA MET C 343 -14.27 16.07 10.17
C MET C 343 -12.95 15.34 10.36
N ALA C 344 -12.30 14.92 9.27
CA ALA C 344 -11.22 13.96 9.31
C ALA C 344 -10.05 14.39 8.44
N VAL C 345 -8.90 13.78 8.72
CA VAL C 345 -7.67 13.97 7.94
C VAL C 345 -7.20 12.60 7.48
N ALA C 346 -6.86 12.47 6.20
CA ALA C 346 -6.28 11.27 5.64
C ALA C 346 -4.79 11.47 5.41
N THR C 347 -3.99 10.44 5.69
CA THR C 347 -2.56 10.45 5.43
C THR C 347 -2.14 9.12 4.83
N GLY C 348 -1.67 9.16 3.59
CA GLY C 348 -1.07 8.00 2.94
C GLY C 348 0.43 8.01 3.16
N SER C 349 1.03 6.84 3.04
CA SER C 349 2.47 6.76 3.37
C SER C 349 3.15 5.64 2.58
N TRP C 350 4.47 5.68 2.55
CA TRP C 350 5.27 4.68 1.85
C TRP C 350 5.19 3.31 2.52
N ASP C 351 4.59 3.29 3.72
CA ASP C 351 4.41 2.02 4.49
C ASP C 351 3.21 1.26 3.94
N SER C 352 2.49 1.80 2.95
CA SER C 352 1.40 1.13 2.25
C SER C 352 0.08 1.12 3.02
N PHE C 353 -0.10 2.07 3.95
CA PHE C 353 -1.36 2.22 4.67
C PHE C 353 -1.81 3.68 4.65
N LEU C 354 -3.11 3.88 4.48
CA LEU C 354 -3.75 5.17 4.68
C LEU C 354 -4.43 5.16 6.04
N LYS C 355 -4.23 6.22 6.81
CA LYS C 355 -4.83 6.38 8.13
C LYS C 355 -5.73 7.60 8.15
N ILE C 356 -6.91 7.44 8.73
CA ILE C 356 -7.88 8.51 8.91
C ILE C 356 -7.78 8.98 10.36
N TRP C 357 -7.59 10.28 10.54
CA TRP C 357 -7.38 10.88 11.85
C TRP C 357 -8.54 11.82 12.15
N ASN C 358 -8.82 12.02 13.44
CA ASN C 358 -9.90 12.89 13.86
C ASN C 358 -9.59 13.52 15.21
N ILE D 9 17.17 37.06 -26.66
CA ILE D 9 16.69 38.42 -26.42
C ILE D 9 15.16 38.40 -26.41
N ALA D 10 14.58 37.56 -27.28
CA ALA D 10 13.12 37.40 -27.25
C ALA D 10 12.65 36.83 -25.93
N GLN D 11 13.38 35.85 -25.39
CA GLN D 11 13.06 35.32 -24.08
C GLN D 11 13.21 36.38 -23.00
N ALA D 12 14.27 37.19 -23.09
CA ALA D 12 14.44 38.28 -22.15
C ALA D 12 13.34 39.32 -22.29
N ARG D 13 12.89 39.59 -23.52
CA ARG D 13 11.80 40.53 -23.71
C ARG D 13 10.51 40.00 -23.09
N LYS D 14 10.22 38.72 -23.28
CA LYS D 14 9.04 38.12 -22.63
C LYS D 14 9.15 38.19 -21.12
N LEU D 15 10.34 37.92 -20.59
CA LEU D 15 10.55 37.99 -19.14
C LEU D 15 10.30 39.40 -18.63
N VAL D 16 10.80 40.42 -19.34
CA VAL D 16 10.61 41.79 -18.90
C VAL D 16 9.14 42.19 -19.00
N GLU D 17 8.44 41.70 -20.03
CA GLU D 17 7.02 42.02 -20.15
C GLU D 17 6.22 41.43 -18.99
N GLN D 18 6.43 40.15 -18.68
CA GLN D 18 5.73 39.54 -17.55
C GLN D 18 6.13 40.21 -16.24
N LEU D 19 7.40 40.62 -16.13
CA LEU D 19 7.87 41.28 -14.92
C LEU D 19 7.21 42.64 -14.75
N LYS D 20 7.03 43.37 -15.84
CA LYS D 20 6.28 44.63 -15.78
C LYS D 20 4.84 44.39 -15.35
N MET D 21 4.22 43.36 -15.92
CA MET D 21 2.84 43.04 -15.55
C MET D 21 2.73 42.70 -14.07
N GLU D 22 3.71 41.99 -13.53
CA GLU D 22 3.72 41.70 -12.10
C GLU D 22 3.98 42.96 -11.28
N ALA D 23 4.85 43.84 -11.77
CA ALA D 23 5.20 45.04 -11.01
C ALA D 23 4.02 45.97 -10.88
N ASN D 24 3.28 46.20 -11.97
CA ASN D 24 2.11 47.07 -11.94
C ASN D 24 0.91 46.26 -11.44
N ILE D 25 0.70 46.26 -10.12
CA ILE D 25 -0.33 45.46 -9.50
C ILE D 25 -0.76 46.13 -8.19
N ASP D 26 -2.04 46.00 -7.85
CA ASP D 26 -2.54 46.59 -6.61
C ASP D 26 -2.12 45.74 -5.41
N ARG D 27 -1.66 46.43 -4.36
CA ARG D 27 -1.21 45.78 -3.14
C ARG D 27 -1.87 46.47 -1.94
N ILE D 28 -2.06 45.68 -0.88
CA ILE D 28 -2.67 46.16 0.37
C ILE D 28 -1.64 46.04 1.48
N LYS D 29 -2.02 46.53 2.65
CA LYS D 29 -1.14 46.47 3.81
C LYS D 29 -1.06 45.04 4.36
N VAL D 30 0.14 44.65 4.78
CA VAL D 30 0.31 43.34 5.40
C VAL D 30 -0.50 43.27 6.68
N SER D 31 -0.61 44.38 7.41
CA SER D 31 -1.44 44.40 8.61
C SER D 31 -2.90 44.15 8.27
N LYS D 32 -3.40 44.76 7.18
CA LYS D 32 -4.77 44.51 6.77
C LYS D 32 -4.98 43.06 6.38
N ALA D 33 -4.01 42.47 5.67
CA ALA D 33 -4.12 41.07 5.29
C ALA D 33 -4.14 40.16 6.51
N ALA D 34 -3.26 40.43 7.48
CA ALA D 34 -3.23 39.63 8.70
C ALA D 34 -4.53 39.77 9.48
N ALA D 35 -5.07 40.99 9.55
CA ALA D 35 -6.34 41.19 10.23
C ALA D 35 -7.47 40.44 9.53
N ASP D 36 -7.47 40.43 8.19
CA ASP D 36 -8.50 39.70 7.45
C ASP D 36 -8.41 38.21 7.70
N LEU D 37 -7.19 37.66 7.70
CA LEU D 37 -7.04 36.23 7.95
C LEU D 37 -7.46 35.88 9.38
N MET D 38 -7.08 36.71 10.35
CA MET D 38 -7.50 36.49 11.73
C MET D 38 -9.01 36.55 11.86
N ALA D 39 -9.65 37.50 11.15
CA ALA D 39 -11.10 37.60 11.19
C ALA D 39 -11.75 36.37 10.58
N TYR D 40 -11.22 35.86 9.48
CA TYR D 40 -11.78 34.65 8.88
C TYR D 40 -11.68 33.47 9.84
N CYS D 41 -10.52 33.31 10.48
CA CYS D 41 -10.35 32.19 11.41
C CYS D 41 -11.26 32.33 12.62
N GLU D 42 -11.41 33.56 13.13
CA GLU D 42 -12.32 33.79 14.25
C GLU D 42 -13.75 33.48 13.86
N ALA D 43 -14.17 33.90 12.68
CA ALA D 43 -15.56 33.71 12.25
C ALA D 43 -15.86 32.23 12.05
N HIS D 44 -14.92 31.47 11.50
CA HIS D 44 -15.15 30.07 11.15
C HIS D 44 -14.58 29.09 12.16
N ALA D 45 -14.22 29.56 13.36
CA ALA D 45 -13.64 28.68 14.36
C ALA D 45 -14.62 27.60 14.81
N LYS D 46 -15.90 27.96 14.95
CA LYS D 46 -16.88 26.98 15.41
C LYS D 46 -17.14 25.90 14.38
N GLU D 47 -17.02 26.23 13.09
CA GLU D 47 -17.33 25.27 12.04
C GLU D 47 -16.27 24.20 11.91
N ASP D 48 -15.08 24.41 12.51
CA ASP D 48 -13.94 23.52 12.31
C ASP D 48 -13.95 22.35 13.30
N PRO D 49 -14.14 21.10 12.86
CA PRO D 49 -14.13 20.01 13.85
C PRO D 49 -12.75 19.61 14.34
N LEU D 50 -11.69 19.93 13.58
CA LEU D 50 -10.35 19.53 14.00
C LEU D 50 -9.82 20.43 15.11
N LEU D 51 -10.19 21.72 15.07
CA LEU D 51 -9.66 22.67 16.05
C LEU D 51 -10.14 22.33 17.46
N THR D 52 -11.42 21.97 17.58
CA THR D 52 -12.04 21.63 18.85
C THR D 52 -12.37 20.14 18.87
N PRO D 53 -12.01 19.37 19.90
CA PRO D 53 -12.42 17.96 19.92
C PRO D 53 -13.93 17.83 19.90
N VAL D 54 -14.42 16.85 19.15
CA VAL D 54 -15.83 16.73 18.80
C VAL D 54 -16.44 15.61 19.63
N PRO D 55 -17.70 15.71 20.07
CA PRO D 55 -18.32 14.56 20.76
C PRO D 55 -18.47 13.37 19.83
N ALA D 56 -18.42 12.17 20.42
CA ALA D 56 -18.39 10.95 19.63
C ALA D 56 -19.69 10.74 18.86
N SER D 57 -20.81 11.23 19.39
CA SER D 57 -22.09 11.00 18.73
C SER D 57 -22.14 11.66 17.36
N GLU D 58 -21.65 12.90 17.25
CA GLU D 58 -21.63 13.58 15.96
C GLU D 58 -20.42 13.18 15.12
N ASN D 59 -19.50 12.42 15.69
CA ASN D 59 -18.31 11.99 14.94
C ASN D 59 -18.68 10.84 14.00
N PRO D 60 -18.53 10.99 12.67
CA PRO D 60 -18.76 9.82 11.80
C PRO D 60 -17.70 8.74 11.94
N PHE D 61 -16.47 9.11 12.28
CA PHE D 61 -15.40 8.14 12.50
C PHE D 61 -15.22 7.88 14.00
N VAL E 2 -26.16 -3.84 -22.38
CA VAL E 2 -26.73 -4.54 -21.24
C VAL E 2 -27.96 -5.30 -21.72
N GLN E 3 -28.06 -6.58 -21.38
CA GLN E 3 -29.18 -7.41 -21.81
C GLN E 3 -29.22 -8.69 -20.99
N LEU E 4 -30.43 -9.11 -20.64
CA LEU E 4 -30.69 -10.37 -19.97
C LEU E 4 -31.82 -11.09 -20.70
N VAL E 5 -31.58 -12.32 -21.12
CA VAL E 5 -32.53 -13.12 -21.88
C VAL E 5 -32.76 -14.41 -21.12
N GLU E 6 -34.04 -14.71 -20.84
CA GLU E 6 -34.42 -15.90 -20.09
C GLU E 6 -34.92 -16.97 -21.05
N SER E 7 -34.48 -18.21 -20.84
CA SER E 7 -34.91 -19.36 -21.62
C SER E 7 -35.34 -20.47 -20.68
N GLY E 8 -36.20 -21.34 -21.18
CA GLY E 8 -36.82 -22.39 -20.38
C GLY E 8 -38.15 -21.95 -19.82
N GLY E 9 -39.06 -22.92 -19.71
CA GLY E 9 -40.42 -22.64 -19.29
C GLY E 9 -41.37 -23.53 -20.05
N GLY E 10 -42.65 -23.14 -19.99
CA GLY E 10 -43.70 -23.89 -20.65
C GLY E 10 -44.36 -24.89 -19.73
N LEU E 11 -45.23 -25.70 -20.32
CA LEU E 11 -46.07 -26.61 -19.55
C LEU E 11 -45.24 -27.66 -18.85
N VAL E 12 -45.51 -27.87 -17.57
CA VAL E 12 -44.89 -28.90 -16.75
C VAL E 12 -45.98 -29.57 -15.93
N GLN E 13 -45.97 -30.90 -15.90
CA GLN E 13 -46.92 -31.60 -15.07
C GLN E 13 -46.58 -31.37 -13.60
N PRO E 14 -47.57 -31.41 -12.70
CA PRO E 14 -47.28 -31.17 -11.28
C PRO E 14 -46.33 -32.24 -10.72
N GLY E 15 -45.44 -31.81 -9.83
CA GLY E 15 -44.42 -32.67 -9.30
C GLY E 15 -43.20 -32.84 -10.19
N GLY E 16 -43.18 -32.20 -11.36
CA GLY E 16 -42.05 -32.34 -12.26
C GLY E 16 -40.89 -31.44 -11.86
N SER E 17 -39.88 -31.43 -12.73
CA SER E 17 -38.68 -30.63 -12.53
C SER E 17 -38.35 -29.89 -13.83
N ARG E 18 -37.87 -28.66 -13.70
CA ARG E 18 -37.47 -27.87 -14.85
C ARG E 18 -36.35 -26.94 -14.43
N LYS E 19 -35.52 -26.57 -15.40
CA LYS E 19 -34.40 -25.66 -15.19
C LYS E 19 -34.55 -24.46 -16.13
N LEU E 20 -34.44 -23.27 -15.55
CA LEU E 20 -34.48 -22.01 -16.29
C LEU E 20 -33.06 -21.53 -16.51
N SER E 21 -32.85 -20.76 -17.58
CA SER E 21 -31.54 -20.21 -17.91
C SER E 21 -31.70 -18.73 -18.25
N CYS E 22 -30.84 -17.90 -17.68
CA CYS E 22 -30.76 -16.48 -17.99
C CYS E 22 -29.34 -16.18 -18.47
N SER E 23 -29.22 -15.77 -19.74
CA SER E 23 -27.94 -15.49 -20.36
C SER E 23 -27.71 -13.98 -20.38
N ALA E 24 -26.54 -13.56 -19.91
CA ALA E 24 -26.18 -12.16 -19.78
C ALA E 24 -25.30 -11.75 -20.96
N SER E 25 -25.58 -10.57 -21.52
CA SER E 25 -24.81 -10.02 -22.61
C SER E 25 -24.61 -8.53 -22.40
N GLY E 26 -23.41 -8.06 -22.70
CA GLY E 26 -23.15 -6.64 -22.70
C GLY E 26 -22.82 -6.02 -21.36
N PHE E 27 -22.56 -6.82 -20.33
CA PHE E 27 -22.12 -6.29 -19.05
C PHE E 27 -21.29 -7.32 -18.31
N ALA E 28 -20.51 -6.82 -17.35
CA ALA E 28 -19.60 -7.64 -16.55
C ALA E 28 -20.43 -8.46 -15.57
N PHE E 29 -20.88 -9.62 -16.06
CA PHE E 29 -21.84 -10.43 -15.31
C PHE E 29 -21.26 -10.91 -13.99
N SER E 30 -19.94 -11.09 -13.93
CA SER E 30 -19.32 -11.61 -12.71
C SER E 30 -19.44 -10.63 -11.55
N SER E 31 -19.48 -9.33 -11.84
CA SER E 31 -19.48 -8.32 -10.77
C SER E 31 -20.87 -8.11 -10.18
N PHE E 32 -21.91 -8.48 -10.92
CA PHE E 32 -23.28 -8.24 -10.47
C PHE E 32 -23.83 -9.44 -9.71
N GLY E 33 -24.47 -9.16 -8.57
CA GLY E 33 -25.33 -10.15 -7.96
C GLY E 33 -26.66 -10.25 -8.68
N MET E 34 -27.24 -11.45 -8.66
CA MET E 34 -28.42 -11.76 -9.45
C MET E 34 -29.54 -12.23 -8.52
N HIS E 35 -30.78 -11.98 -8.95
CA HIS E 35 -31.96 -12.36 -8.20
C HIS E 35 -32.92 -13.19 -9.04
N VAL E 37 -36.89 -13.32 -9.19
CA VAL E 37 -38.18 -12.65 -9.04
C VAL E 37 -39.18 -13.26 -10.00
N ARG E 38 -40.41 -13.46 -9.54
CA ARG E 38 -41.48 -14.02 -10.35
C ARG E 38 -42.76 -13.22 -10.15
N GLN E 39 -43.65 -13.33 -11.13
CA GLN E 39 -44.95 -12.69 -11.10
C GLN E 39 -46.00 -13.70 -11.53
N ALA E 40 -46.97 -13.97 -10.66
CA ALA E 40 -48.03 -14.88 -11.03
C ALA E 40 -48.88 -14.26 -12.13
N PRO E 41 -49.66 -15.06 -12.86
CA PRO E 41 -50.30 -14.55 -14.09
C PRO E 41 -51.21 -13.34 -13.90
N GLU E 42 -51.72 -13.13 -12.68
CA GLU E 42 -52.52 -11.95 -12.37
C GLU E 42 -52.21 -11.37 -10.99
N LYS E 43 -50.95 -11.40 -10.58
CA LYS E 43 -50.53 -10.96 -9.25
C LYS E 43 -49.32 -10.04 -9.38
N GLY E 44 -48.89 -9.50 -8.24
CA GLY E 44 -47.72 -8.65 -8.22
C GLY E 44 -46.43 -9.44 -8.15
N LEU E 45 -45.37 -8.73 -7.79
CA LEU E 45 -44.02 -9.29 -7.83
C LEU E 45 -43.70 -10.06 -6.55
N GLU E 46 -43.02 -11.19 -6.69
CA GLU E 46 -42.58 -12.01 -5.57
C GLU E 46 -41.14 -12.45 -5.81
N TRP E 47 -40.26 -12.11 -4.87
CA TRP E 47 -38.84 -12.38 -4.99
C TRP E 47 -38.60 -13.85 -4.69
N VAL E 48 -37.76 -14.50 -5.53
CA VAL E 48 -37.56 -15.95 -5.41
C VAL E 48 -36.24 -16.25 -4.72
N ALA E 49 -35.13 -15.78 -5.26
CA ALA E 49 -33.81 -16.21 -4.80
C ALA E 49 -32.78 -15.14 -5.11
N TYR E 50 -31.62 -15.27 -4.47
CA TYR E 50 -30.47 -14.39 -4.66
C TYR E 50 -29.21 -15.22 -4.75
N ILE E 51 -28.31 -14.83 -5.65
CA ILE E 51 -26.96 -15.37 -5.73
C ILE E 51 -26.01 -14.18 -5.78
N SER E 52 -25.08 -14.14 -4.82
CA SER E 52 -24.14 -13.04 -4.75
C SER E 52 -23.13 -13.12 -5.88
N SER E 53 -22.36 -12.04 -6.05
CA SER E 53 -21.22 -12.08 -6.94
C SER E 53 -20.13 -12.95 -6.33
N GLY E 54 -19.72 -13.99 -7.06
CA GLY E 54 -18.80 -14.98 -6.55
C GLY E 54 -19.46 -16.18 -5.89
N SER E 55 -20.78 -16.18 -5.75
CA SER E 55 -21.58 -17.29 -5.22
C SER E 55 -21.38 -17.51 -3.73
N GLY E 56 -20.78 -16.57 -3.01
CA GLY E 56 -20.53 -16.78 -1.60
C GLY E 56 -21.80 -16.82 -0.76
N THR E 57 -22.86 -16.18 -1.24
CA THR E 57 -24.12 -16.06 -0.51
C THR E 57 -25.26 -16.52 -1.40
N ILE E 58 -26.21 -17.25 -0.81
CA ILE E 58 -27.47 -17.60 -1.45
C ILE E 58 -28.58 -17.45 -0.41
N TYR E 59 -29.69 -16.83 -0.82
CA TYR E 59 -30.93 -16.84 -0.06
C TYR E 59 -32.05 -17.33 -0.96
N TYR E 60 -33.09 -17.88 -0.32
CA TYR E 60 -34.30 -18.31 -1.00
C TYR E 60 -35.51 -17.80 -0.25
N ALA E 61 -36.61 -17.63 -0.97
CA ALA E 61 -37.89 -17.44 -0.31
C ALA E 61 -38.29 -18.72 0.40
N ASP E 62 -38.97 -18.59 1.54
CA ASP E 62 -39.35 -19.76 2.31
C ASP E 62 -40.31 -20.65 1.52
N THR E 63 -41.07 -20.07 0.59
CA THR E 63 -41.99 -20.86 -0.21
C THR E 63 -41.26 -21.86 -1.10
N VAL E 64 -40.11 -21.46 -1.65
CA VAL E 64 -39.38 -22.29 -2.62
C VAL E 64 -38.17 -22.98 -2.04
N LYS E 65 -37.88 -22.81 -0.74
CA LYS E 65 -36.68 -23.39 -0.16
C LYS E 65 -36.79 -24.92 -0.10
N GLY E 66 -35.69 -25.60 -0.43
CA GLY E 66 -35.65 -27.04 -0.48
C GLY E 66 -36.05 -27.64 -1.81
N ARG E 67 -36.51 -26.81 -2.73
CA ARG E 67 -37.04 -27.28 -4.04
C ARG E 67 -36.41 -26.51 -5.21
N PHE E 68 -35.91 -25.29 -4.96
CA PHE E 68 -35.27 -24.46 -5.97
C PHE E 68 -33.78 -24.39 -5.66
N THR E 69 -32.96 -24.46 -6.71
CA THR E 69 -31.52 -24.24 -6.61
C THR E 69 -31.12 -23.19 -7.62
N ILE E 70 -30.41 -22.17 -7.15
CA ILE E 70 -29.96 -21.05 -7.97
C ILE E 70 -28.45 -21.16 -8.14
N SER E 71 -27.96 -20.92 -9.35
CA SER E 71 -26.55 -21.03 -9.68
C SER E 71 -26.22 -20.05 -10.81
N ARG E 72 -24.92 -19.82 -11.00
CA ARG E 72 -24.42 -18.96 -12.06
C ARG E 72 -23.18 -19.62 -12.68
N ASP E 73 -23.07 -19.53 -14.00
CA ASP E 73 -21.88 -19.96 -14.73
C ASP E 73 -21.17 -18.71 -15.24
N ASP E 74 -20.21 -18.23 -14.46
CA ASP E 74 -19.56 -16.96 -14.78
C ASP E 74 -18.83 -16.97 -16.13
N PRO E 75 -18.05 -17.99 -16.50
CA PRO E 75 -17.44 -17.97 -17.85
C PRO E 75 -18.45 -17.88 -18.98
N LYS E 76 -19.59 -18.56 -18.86
CA LYS E 76 -20.62 -18.49 -19.89
C LYS E 76 -21.56 -17.31 -19.67
N ASN E 77 -21.44 -16.62 -18.53
CA ASN E 77 -22.28 -15.50 -18.12
C ASN E 77 -23.74 -15.93 -17.99
N THR E 78 -24.01 -17.20 -17.68
CA THR E 78 -25.37 -17.69 -17.56
C THR E 78 -25.77 -17.84 -16.09
N LEU E 79 -27.03 -17.55 -15.81
CA LEU E 79 -27.66 -17.77 -14.52
C LEU E 79 -28.75 -18.82 -14.71
N PHE E 80 -28.91 -19.70 -13.72
CA PHE E 80 -29.90 -20.77 -13.81
C PHE E 80 -30.71 -20.87 -12.54
N LEU E 81 -31.85 -21.54 -12.67
CA LEU E 81 -32.72 -21.90 -11.55
C LEU E 81 -33.26 -23.30 -11.79
N GLN E 82 -32.73 -24.27 -11.05
CA GLN E 82 -33.22 -25.64 -11.10
C GLN E 82 -34.38 -25.79 -10.14
N MET E 83 -35.53 -26.22 -10.65
CA MET E 83 -36.76 -26.33 -9.88
C MET E 83 -37.17 -27.80 -9.81
N THR E 84 -37.66 -28.19 -8.65
CA THR E 84 -38.17 -29.55 -8.57
C THR E 84 -39.55 -29.49 -8.00
N SER E 85 -40.16 -30.66 -7.82
CA SER E 85 -41.44 -30.81 -7.15
C SER E 85 -42.37 -29.64 -7.45
N LEU E 86 -42.50 -29.30 -8.74
CA LEU E 86 -43.23 -28.12 -9.14
C LEU E 86 -44.72 -28.26 -8.82
N ARG E 87 -45.28 -27.22 -8.20
CA ARG E 87 -46.67 -27.17 -7.79
C ARG E 87 -47.41 -26.17 -8.66
N SER E 88 -48.74 -26.19 -8.56
CA SER E 88 -49.55 -25.25 -9.33
C SER E 88 -49.28 -23.81 -8.90
N GLU E 89 -48.91 -23.60 -7.64
CA GLU E 89 -48.63 -22.26 -7.15
C GLU E 89 -47.35 -21.68 -7.74
N ASP E 90 -46.53 -22.54 -8.36
CA ASP E 90 -45.23 -22.10 -8.92
C ASP E 90 -45.44 -21.33 -10.22
N THR E 91 -46.58 -21.52 -10.88
CA THR E 91 -46.80 -20.90 -12.18
C THR E 91 -46.63 -19.40 -12.08
N ALA E 92 -45.85 -18.84 -13.00
CA ALA E 92 -45.50 -17.43 -12.97
C ALA E 92 -44.72 -17.09 -14.22
N MET E 93 -44.36 -15.81 -14.34
CA MET E 93 -43.32 -15.37 -15.25
C MET E 93 -42.12 -15.02 -14.41
N TYR E 94 -41.02 -15.74 -14.62
CA TYR E 94 -39.80 -15.60 -13.83
C TYR E 94 -38.89 -14.59 -14.48
N TYR E 95 -38.38 -13.66 -13.68
CA TYR E 95 -37.55 -12.56 -14.15
C TYR E 95 -36.13 -12.71 -13.63
N CYS E 96 -35.18 -12.35 -14.48
CA CYS E 96 -33.76 -12.34 -14.16
C CYS E 96 -33.34 -10.90 -13.94
N VAL E 97 -32.80 -10.60 -12.77
CA VAL E 97 -32.51 -9.24 -12.34
C VAL E 97 -31.07 -9.14 -11.88
N ARG E 98 -30.38 -8.11 -12.35
CA ARG E 98 -28.99 -7.85 -12.00
C ARG E 98 -28.95 -6.85 -10.86
N SER E 99 -27.96 -6.96 -10.00
CA SER E 99 -27.77 -5.99 -8.94
C SER E 99 -26.32 -5.98 -8.50
N ILE E 100 -25.86 -4.83 -8.04
CA ILE E 100 -24.49 -4.59 -7.62
C ILE E 100 -24.54 -3.76 -6.34
N TYR E 101 -23.68 -4.09 -5.38
CA TYR E 101 -23.73 -3.50 -4.04
C TYR E 101 -22.39 -2.90 -3.67
N TYR E 102 -22.29 -1.58 -3.79
CA TYR E 102 -21.21 -0.81 -3.23
C TYR E 102 -21.80 0.54 -2.83
N TYR E 103 -20.95 1.41 -2.30
CA TYR E 103 -21.44 2.73 -1.89
C TYR E 103 -21.91 3.52 -3.09
N GLY E 104 -23.20 3.87 -3.08
CA GLY E 104 -23.80 4.66 -4.14
C GLY E 104 -24.33 3.88 -5.32
N SER E 105 -24.32 2.54 -5.27
CA SER E 105 -24.80 1.75 -6.38
C SER E 105 -26.32 1.80 -6.47
N SER E 106 -26.86 1.21 -7.54
CA SER E 106 -28.29 1.18 -7.79
C SER E 106 -28.73 -0.27 -8.02
N PRO E 107 -29.04 -1.03 -6.98
CA PRO E 107 -29.53 -2.40 -7.19
C PRO E 107 -30.84 -2.44 -7.96
N PHE E 108 -31.03 -3.54 -8.70
CA PHE E 108 -32.25 -3.91 -9.42
C PHE E 108 -32.49 -2.97 -10.60
N ASP E 109 -31.42 -2.45 -11.22
CA ASP E 109 -31.58 -1.44 -12.26
C ASP E 109 -32.05 -2.04 -13.58
N PHE E 110 -31.61 -3.25 -13.91
CA PHE E 110 -31.97 -3.92 -15.17
C PHE E 110 -32.66 -5.24 -14.91
N TRP E 111 -33.72 -5.50 -15.65
CA TRP E 111 -34.52 -6.72 -15.57
C TRP E 111 -34.57 -7.36 -16.95
N GLY E 112 -34.77 -8.68 -16.99
CA GLY E 112 -34.94 -9.37 -18.25
C GLY E 112 -36.38 -9.35 -18.73
N GLN E 113 -36.58 -9.86 -19.94
CA GLN E 113 -37.92 -9.96 -20.49
C GLN E 113 -38.73 -11.03 -19.75
N GLY E 114 -38.07 -12.07 -19.25
CA GLY E 114 -38.70 -13.07 -18.45
C GLY E 114 -39.17 -14.27 -19.25
N THR E 115 -39.43 -15.36 -18.54
CA THR E 115 -39.89 -16.62 -19.12
C THR E 115 -41.09 -17.12 -18.33
N THR E 116 -42.10 -17.60 -19.05
CA THR E 116 -43.37 -17.98 -18.46
C THR E 116 -43.38 -19.48 -18.18
N LEU E 117 -43.75 -19.84 -16.95
CA LEU E 117 -43.89 -21.22 -16.52
C LEU E 117 -45.34 -21.44 -16.08
N THR E 118 -45.97 -22.46 -16.63
CA THR E 118 -47.32 -22.86 -16.25
C THR E 118 -47.30 -24.32 -15.86
N VAL E 119 -47.89 -24.64 -14.71
CA VAL E 119 -47.87 -26.00 -14.17
C VAL E 119 -49.24 -26.28 -13.57
N ASP E 137 -40.96 -11.35 8.41
CA ASP E 137 -41.22 -10.79 7.09
C ASP E 137 -41.84 -9.40 7.19
N ILE E 138 -41.25 -8.45 6.47
CA ILE E 138 -41.83 -7.11 6.38
C ILE E 138 -43.00 -7.15 5.40
N VAL E 139 -44.15 -6.67 5.85
CA VAL E 139 -45.35 -6.55 5.02
C VAL E 139 -45.36 -5.15 4.42
N MET E 140 -45.36 -5.08 3.10
CA MET E 140 -45.32 -3.83 2.37
C MET E 140 -46.72 -3.56 1.81
N THR E 141 -47.29 -2.42 2.18
CA THR E 141 -48.70 -2.12 1.96
C THR E 141 -48.86 -1.01 0.93
N GLN E 142 -49.60 -1.31 -0.14
CA GLN E 142 -50.03 -0.31 -1.11
C GLN E 142 -51.56 -0.29 -1.09
N ALA E 143 -52.12 0.73 -0.45
CA ALA E 143 -53.55 0.74 -0.16
C ALA E 143 -54.39 0.75 -1.43
N THR E 144 -54.00 1.61 -2.38
CA THR E 144 -54.78 1.74 -3.62
C THR E 144 -54.28 0.72 -4.63
N SER E 145 -55.17 -0.07 -5.21
CA SER E 145 -54.78 -0.98 -6.31
C SER E 145 -54.82 -0.20 -7.62
N SER E 146 -55.66 0.84 -7.71
CA SER E 146 -55.76 1.67 -8.90
C SER E 146 -55.85 3.13 -8.48
N VAL E 147 -55.48 4.02 -9.39
CA VAL E 147 -55.50 5.45 -9.15
C VAL E 147 -55.94 6.12 -10.45
N PRO E 148 -57.01 6.93 -10.47
CA PRO E 148 -57.36 7.63 -11.71
C PRO E 148 -56.38 8.76 -11.99
N VAL E 149 -56.02 8.87 -13.28
CA VAL E 149 -54.98 9.87 -13.68
C VAL E 149 -55.29 10.46 -15.06
N THR E 150 -55.02 11.75 -15.26
CA THR E 150 -55.13 12.43 -16.53
C THR E 150 -53.77 13.01 -16.91
N PRO E 151 -53.45 13.16 -18.20
CA PRO E 151 -52.13 13.70 -18.55
C PRO E 151 -51.93 15.11 -18.04
N GLY E 152 -50.68 15.42 -17.66
CA GLY E 152 -50.32 16.74 -17.24
C GLY E 152 -50.64 17.09 -15.80
N GLU E 153 -51.17 16.14 -15.02
CA GLU E 153 -51.57 16.37 -13.64
C GLU E 153 -50.65 15.58 -12.71
N SER E 154 -50.29 16.18 -11.59
CA SER E 154 -49.43 15.50 -10.63
C SER E 154 -50.21 14.46 -9.84
N VAL E 155 -49.57 13.31 -9.61
CA VAL E 155 -50.18 12.18 -8.92
C VAL E 155 -49.18 11.65 -7.89
N SER E 156 -49.69 11.27 -6.72
CA SER E 156 -48.88 10.73 -5.64
C SER E 156 -49.34 9.31 -5.32
N ILE E 157 -48.38 8.39 -5.23
CA ILE E 157 -48.62 6.99 -4.92
C ILE E 157 -47.91 6.69 -3.61
N SER E 158 -48.62 6.08 -2.67
CA SER E 158 -48.13 5.86 -1.31
C SER E 158 -47.83 4.38 -1.09
N CYS E 159 -46.88 4.12 -0.20
CA CYS E 159 -46.57 2.77 0.28
C CYS E 159 -46.28 2.85 1.76
N ARG E 160 -46.55 1.76 2.47
CA ARG E 160 -46.36 1.67 3.91
C ARG E 160 -45.61 0.40 4.25
N SER E 161 -44.88 0.44 5.37
CA SER E 161 -44.05 -0.65 5.82
C SER E 161 -44.46 -1.06 7.24
N SER E 162 -44.39 -2.37 7.51
CA SER E 162 -44.74 -2.88 8.83
C SER E 162 -43.79 -2.33 9.89
N LYS E 163 -42.49 -2.26 9.57
CA LYS E 163 -41.49 -1.68 10.45
C LYS E 163 -40.71 -0.63 9.69
N SER E 164 -39.83 0.07 10.41
CA SER E 164 -39.08 1.16 9.83
C SER E 164 -37.99 0.63 8.90
N LEU E 165 -38.00 1.09 7.66
CA LEU E 165 -36.90 0.83 6.73
C LEU E 165 -35.72 1.76 6.94
N LEU E 166 -35.86 2.79 7.78
CA LEU E 166 -34.72 3.61 8.14
C LEU E 166 -33.71 2.79 8.94
N HIS E 167 -32.44 2.91 8.56
CA HIS E 167 -31.35 2.17 9.20
C HIS E 167 -30.43 3.16 9.91
N SER E 168 -29.67 2.64 10.85
CA SER E 168 -28.77 3.49 11.64
C SER E 168 -27.73 4.19 10.77
N ASN E 169 -27.34 3.58 9.65
CA ASN E 169 -26.37 4.21 8.75
C ASN E 169 -26.93 5.46 8.09
N GLY E 170 -28.26 5.61 8.07
CA GLY E 170 -28.92 6.76 7.47
C GLY E 170 -29.62 6.50 6.16
N ASN E 171 -29.56 5.27 5.65
CA ASN E 171 -30.26 4.90 4.43
C ASN E 171 -31.61 4.30 4.79
N THR E 172 -32.60 4.57 3.95
CA THR E 172 -33.89 3.88 4.00
C THR E 172 -34.00 3.05 2.73
N TYR E 173 -34.05 1.73 2.89
CA TYR E 173 -33.94 0.80 1.77
C TYR E 173 -35.31 0.53 1.18
N LEU E 174 -35.80 1.52 0.42
CA LEU E 174 -37.06 1.42 -0.29
C LEU E 174 -36.84 1.74 -1.76
N TYR E 175 -37.46 0.96 -2.62
CA TYR E 175 -37.29 1.03 -4.06
C TYR E 175 -38.67 1.16 -4.71
N TRP E 176 -38.68 1.81 -5.88
CA TRP E 176 -39.88 1.90 -6.71
C TRP E 176 -39.58 1.34 -8.09
N PHE E 177 -40.52 0.57 -8.62
CA PHE E 177 -40.43 -0.01 -9.95
C PHE E 177 -41.70 0.32 -10.71
N LEU E 178 -41.57 0.39 -12.03
CA LEU E 178 -42.70 0.62 -12.94
C LEU E 178 -42.71 -0.48 -13.98
N GLN E 179 -43.85 -1.17 -14.08
CA GLN E 179 -44.08 -2.19 -15.10
C GLN E 179 -45.14 -1.66 -16.06
N ARG E 180 -44.70 -1.11 -17.17
CA ARG E 180 -45.63 -0.68 -18.20
C ARG E 180 -46.29 -1.89 -18.84
N PRO E 181 -47.44 -1.72 -19.49
CA PRO E 181 -48.15 -2.89 -20.04
C PRO E 181 -47.30 -3.63 -21.07
N GLY E 182 -47.21 -4.95 -20.90
CA GLY E 182 -46.46 -5.79 -21.81
C GLY E 182 -44.96 -5.74 -21.64
N GLN E 183 -44.45 -5.11 -20.58
CA GLN E 183 -43.03 -4.92 -20.36
C GLN E 183 -42.63 -5.48 -19.00
N SER E 184 -41.35 -5.76 -18.83
CA SER E 184 -40.83 -6.15 -17.54
C SER E 184 -40.66 -4.92 -16.65
N PRO E 185 -40.54 -5.09 -15.34
CA PRO E 185 -40.38 -3.93 -14.46
C PRO E 185 -39.11 -3.14 -14.74
N GLN E 186 -39.13 -1.88 -14.33
CA GLN E 186 -38.04 -0.94 -14.55
C GLN E 186 -37.90 -0.07 -13.31
N LEU E 187 -36.66 0.12 -12.86
CA LEU E 187 -36.39 0.83 -11.62
C LEU E 187 -36.57 2.33 -11.84
N LEU E 188 -37.30 2.98 -10.92
CA LEU E 188 -37.45 4.43 -10.94
C LEU E 188 -36.66 5.09 -9.82
N ILE E 189 -36.89 4.67 -8.58
CA ILE E 189 -36.28 5.26 -7.40
C ILE E 189 -35.63 4.14 -6.60
N TYR E 190 -34.41 4.38 -6.13
CA TYR E 190 -33.71 3.46 -5.23
C TYR E 190 -33.35 4.19 -3.95
N ARG E 191 -33.54 3.52 -2.83
CA ARG E 191 -33.30 4.08 -1.50
C ARG E 191 -34.16 5.32 -1.23
N MET E 192 -35.42 5.30 -1.70
CA MET E 192 -36.52 6.21 -1.39
C MET E 192 -36.39 7.60 -2.01
N SER E 193 -35.20 7.99 -2.46
CA SER E 193 -34.97 9.36 -2.90
C SER E 193 -34.09 9.49 -4.14
N ASN E 194 -33.34 8.46 -4.52
CA ASN E 194 -32.34 8.56 -5.57
C ASN E 194 -32.97 8.15 -6.89
N LEU E 195 -32.93 9.05 -7.87
CA LEU E 195 -33.53 8.78 -9.17
C LEU E 195 -32.62 7.84 -9.96
N ALA E 196 -33.23 6.83 -10.57
CA ALA E 196 -32.47 5.88 -11.37
C ALA E 196 -32.02 6.51 -12.67
N SER E 197 -30.93 5.99 -13.23
CA SER E 197 -30.40 6.51 -14.48
C SER E 197 -31.35 6.24 -15.62
N GLY E 198 -31.44 7.19 -16.55
CA GLY E 198 -32.34 7.07 -17.67
C GLY E 198 -33.80 7.33 -17.34
N VAL E 199 -34.08 7.95 -16.20
CA VAL E 199 -35.44 8.20 -15.72
C VAL E 199 -35.60 9.71 -15.59
N PRO E 200 -36.68 10.31 -16.13
CA PRO E 200 -36.76 11.77 -16.11
C PRO E 200 -36.94 12.34 -14.71
N ASP E 201 -36.74 13.66 -14.61
CA ASP E 201 -36.83 14.36 -13.33
C ASP E 201 -38.27 14.47 -12.84
N ARG E 202 -39.26 14.10 -13.66
CA ARG E 202 -40.65 14.14 -13.23
C ARG E 202 -40.89 13.27 -12.00
N PHE E 203 -40.34 12.06 -12.00
CA PHE E 203 -40.50 11.17 -10.86
C PHE E 203 -39.67 11.67 -9.68
N SER E 204 -40.28 11.68 -8.50
CA SER E 204 -39.60 12.11 -7.28
C SER E 204 -40.06 11.22 -6.13
N GLY E 205 -39.10 10.82 -5.31
CA GLY E 205 -39.36 9.96 -4.17
C GLY E 205 -39.11 10.66 -2.85
N SER E 206 -40.12 10.67 -1.98
CA SER E 206 -40.02 11.26 -0.65
C SER E 206 -40.70 10.33 0.34
N GLY E 207 -40.23 10.35 1.58
CA GLY E 207 -40.84 9.53 2.61
C GLY E 207 -40.17 9.72 3.95
N SER E 208 -40.81 9.16 4.96
CA SER E 208 -40.25 9.05 6.30
C SER E 208 -40.30 7.58 6.69
N GLY E 209 -39.66 7.26 7.82
CA GLY E 209 -39.65 5.88 8.28
C GLY E 209 -41.06 5.34 8.46
N THR E 210 -41.37 4.25 7.74
CA THR E 210 -42.64 3.53 7.70
C THR E 210 -43.67 4.18 6.78
N ALA E 211 -43.38 5.32 6.15
CA ALA E 211 -44.33 6.02 5.30
C ALA E 211 -43.60 6.63 4.11
N PHE E 212 -43.95 6.16 2.92
CA PHE E 212 -43.24 6.51 1.69
C PHE E 212 -44.24 6.86 0.60
N THR E 213 -43.94 7.90 -0.17
CA THR E 213 -44.77 8.36 -1.27
C THR E 213 -43.92 8.61 -2.50
N LEU E 214 -44.44 8.24 -3.66
CA LEU E 214 -43.85 8.55 -4.95
C LEU E 214 -44.75 9.55 -5.66
N THR E 215 -44.21 10.73 -5.97
CA THR E 215 -44.92 11.78 -6.66
C THR E 215 -44.45 11.87 -8.09
N ILE E 216 -45.38 11.69 -9.03
CA ILE E 216 -45.14 11.92 -10.46
C ILE E 216 -45.78 13.25 -10.81
N SER E 217 -44.98 14.19 -11.29
CA SER E 217 -45.44 15.53 -11.64
C SER E 217 -45.33 15.71 -13.14
N ARG E 218 -46.27 16.47 -13.70
CA ARG E 218 -46.36 16.64 -15.15
C ARG E 218 -46.53 15.29 -15.84
N LEU E 219 -47.56 14.55 -15.43
CA LEU E 219 -47.74 13.18 -15.89
C LEU E 219 -47.96 13.13 -17.40
N GLU E 220 -47.49 12.05 -18.01
CA GLU E 220 -47.55 11.87 -19.45
C GLU E 220 -48.06 10.47 -19.76
N ALA E 221 -48.41 10.25 -21.03
CA ALA E 221 -48.60 8.90 -21.50
C ALA E 221 -47.26 8.16 -21.48
N GLU E 222 -47.33 6.84 -21.36
CA GLU E 222 -46.22 5.91 -21.15
C GLU E 222 -45.74 5.91 -19.70
N ASP E 223 -46.31 6.75 -18.83
CA ASP E 223 -46.16 6.59 -17.39
C ASP E 223 -47.20 5.64 -16.82
N VAL E 224 -48.11 5.11 -17.64
CA VAL E 224 -49.15 4.22 -17.15
C VAL E 224 -48.54 2.84 -16.88
N GLY E 225 -49.02 2.19 -15.83
CA GLY E 225 -48.50 0.90 -15.44
C GLY E 225 -48.73 0.69 -13.96
N VAL E 226 -48.13 -0.38 -13.44
CA VAL E 226 -48.25 -0.77 -12.04
C VAL E 226 -46.98 -0.33 -11.33
N TYR E 227 -47.14 0.41 -10.24
CA TYR E 227 -46.04 0.92 -9.43
C TYR E 227 -45.90 0.05 -8.19
N TYR E 228 -44.72 -0.56 -8.03
CA TYR E 228 -44.45 -1.49 -6.93
C TYR E 228 -43.47 -0.82 -5.97
N CYS E 229 -43.72 -0.98 -4.68
CA CYS E 229 -42.78 -0.59 -3.64
C CYS E 229 -42.14 -1.83 -3.05
N MET E 230 -40.81 -1.82 -2.94
CA MET E 230 -40.02 -2.95 -2.46
C MET E 230 -39.03 -2.46 -1.43
N GLN E 231 -38.82 -3.28 -0.40
CA GLN E 231 -37.82 -3.02 0.63
C GLN E 231 -36.64 -3.96 0.44
N HIS E 232 -35.44 -3.41 0.61
CA HIS E 232 -34.20 -4.18 0.63
C HIS E 232 -33.49 -4.06 1.98
N LEU E 233 -34.25 -3.80 3.04
CA LEU E 233 -33.65 -3.73 4.38
C LEU E 233 -33.17 -5.11 4.83
N GLU E 234 -34.02 -6.12 4.58
CA GLU E 234 -33.69 -7.48 5.06
C GLU E 234 -34.29 -8.54 4.13
N TYR E 235 -33.65 -9.71 4.04
CA TYR E 235 -34.15 -10.82 3.26
C TYR E 235 -35.17 -11.59 4.08
N PRO E 236 -36.28 -12.08 3.50
CA PRO E 236 -36.69 -12.08 2.09
C PRO E 236 -37.12 -10.70 1.59
N LEU E 237 -36.75 -10.34 0.37
CA LEU E 237 -37.21 -9.09 -0.20
C LEU E 237 -38.69 -9.18 -0.53
N THR E 238 -39.44 -8.15 -0.15
CA THR E 238 -40.90 -8.16 -0.23
C THR E 238 -41.36 -6.94 -1.01
N PHE E 239 -42.48 -7.12 -1.72
CA PHE E 239 -43.05 -6.12 -2.59
C PHE E 239 -44.39 -5.66 -2.06
N GLY E 240 -44.80 -4.45 -2.44
CA GLY E 240 -46.18 -4.05 -2.27
C GLY E 240 -47.06 -4.74 -3.30
N ALA E 241 -48.38 -4.65 -3.08
CA ALA E 241 -49.31 -5.29 -4.01
C ALA E 241 -49.27 -4.63 -5.39
N GLY E 242 -49.02 -3.33 -5.43
CA GLY E 242 -48.91 -2.57 -6.66
C GLY E 242 -50.15 -1.73 -6.92
N THR E 243 -49.89 -0.48 -7.34
CA THR E 243 -50.96 0.46 -7.67
C THR E 243 -50.88 0.77 -9.14
N LYS E 244 -51.98 0.63 -9.87
CA LYS E 244 -52.00 0.85 -11.31
C LYS E 244 -52.48 2.27 -11.62
N LEU E 245 -51.90 2.85 -12.67
CA LEU E 245 -52.33 4.13 -13.24
C LEU E 245 -53.02 3.85 -14.57
N GLU E 246 -54.24 4.34 -14.71
CA GLU E 246 -55.04 4.16 -15.93
C GLU E 246 -55.60 5.51 -16.36
N LEU E 247 -55.39 5.85 -17.62
CA LEU E 247 -55.85 7.14 -18.15
C LEU E 247 -57.36 7.25 -18.08
N1 91Q F . 16.10 -32.41 29.39
C4 91Q F . 16.14 -33.37 27.07
C5 91Q F . 15.34 -34.23 26.11
C6 91Q F . 14.81 -33.84 24.88
C7 91Q F . 14.25 -35.95 25.15
C8 91Q F . 14.97 -35.60 26.26
C10 91Q F . 14.71 -37.85 27.15
C1 91Q F . 16.49 -33.49 30.29
C2 91Q F . 17.24 -31.60 29.02
C3 91Q F . 15.31 -32.91 28.27
N2 91Q F . 14.18 -34.87 24.33
C9 91Q F . 15.20 -36.56 27.28
C11 91Q F . 13.97 -38.21 26.01
C12 91Q F . 13.75 -37.27 25.01
O1 91Q F . 15.93 -36.22 28.42
#